data_8RZ6
#
_entry.id   8RZ6
#
_cell.length_a   123.350
_cell.length_b   160.870
_cell.length_c   100.150
_cell.angle_alpha   90.00
_cell.angle_beta   125.11
_cell.angle_gamma   90.00
#
_symmetry.space_group_name_H-M   'C 1 2 1'
#
loop_
_entity.id
_entity.type
_entity.pdbx_description
1 polymer 'Tomaymycin non-ribosomal peptide synthetase'
2 non-polymer 'FORMIC ACID'
3 non-polymer 'POTASSIUM ION'
4 non-polymer GLYCEROL
5 water water
#
_entity_poly.entity_id   1
_entity_poly.type   'polypeptide(L)'
_entity_poly.pdbx_seq_one_letter_code
;GP(MSE)L(MSE)NSPLRTTVLDLARTTLGSADLTAHEPLADRCEHPALLDDLATTLTAVFAVEITGADLAAGATVADVA
AR(MSE)DDRRDAPRIPELRAGLAPRDGRAVEASFGQSGIWLIDQYLPNPAAYNGPFFVRLPFSADPDRLHAAVRGVLRR
QEVLRTTYALSDGTLRQNVSRDDDAVVFEVARYGDDKELDALVHRVANLRLDLARGPVIAVTCALGPANRSAVICNIHHI
ASDAASAGVFLRELLDAYDRLGRGLPVEADPLRPTYGDFSQWYREL(MSE)NPEALTRSLDHFAARLAGELPVLDLPTDR
PRPPVKQHRGGTLPLHLPAAAADDFEALARTEGVTLF(MSE)ALVAAYAVFLSRHTGQRRVLIGSPVSLRDDPATHELIG
YFVNLVVLQQEIDDR(MSE)TVRDVLRRAREEVSEALRHKWAPFDKVVERLQPPRSSGYTPLVQT(MSE)LVLTQGDAGR
ISHDDTELRIERGAAHGAKYDLSLVFERDSEGLHGLIEYDADLFDEPTVRA(MSE)GDRLRHL(MSE)EQFARRPDAPLH
ELEALGAQERRSV
;
_entity_poly.pdbx_strand_id   A,B
#
loop_
_chem_comp.id
_chem_comp.type
_chem_comp.name
_chem_comp.formula
FMT non-polymer 'FORMIC ACID' 'C H2 O2'
GOL non-polymer GLYCEROL 'C3 H8 O3'
K non-polymer 'POTASSIUM ION' 'K 1'
#
# COMPACT_ATOMS: atom_id res chain seq x y z
N ILE A 84 22.49 -19.21 -31.45
CA ILE A 84 21.31 -19.04 -30.58
C ILE A 84 20.00 -19.19 -31.38
N PRO A 85 19.24 -20.27 -31.13
CA PRO A 85 18.10 -20.57 -32.02
C PRO A 85 17.02 -19.49 -31.95
N GLU A 86 16.19 -19.47 -32.98
CA GLU A 86 15.10 -18.53 -33.06
C GLU A 86 13.90 -19.04 -32.27
N LEU A 87 13.14 -18.12 -31.71
CA LEU A 87 11.89 -18.46 -31.04
C LEU A 87 10.78 -18.60 -32.08
N ARG A 88 10.09 -19.73 -32.09
CA ARG A 88 8.97 -19.91 -33.01
C ARG A 88 7.66 -20.20 -32.26
N ALA A 89 6.58 -19.67 -32.81
CA ALA A 89 5.26 -20.00 -32.31
C ALA A 89 4.98 -21.49 -32.43
N GLY A 90 4.22 -22.00 -31.48
CA GLY A 90 3.92 -23.41 -31.43
C GLY A 90 4.97 -24.27 -30.76
N LEU A 91 6.10 -23.69 -30.35
CA LEU A 91 7.11 -24.49 -29.68
C LEU A 91 6.51 -25.20 -28.47
N ALA A 92 5.73 -24.56 -27.74
CA ALA A 92 5.04 -25.21 -26.64
C ALA A 92 3.75 -25.86 -27.14
N PRO A 93 3.35 -27.02 -26.59
CA PRO A 93 2.15 -27.71 -27.12
C PRO A 93 0.92 -26.82 -27.17
N ARG A 94 0.40 -26.60 -28.38
CA ARG A 94 -0.87 -25.90 -28.57
C ARG A 94 -2.08 -26.83 -28.37
N ASP A 95 -1.92 -27.88 -27.59
CA ASP A 95 -2.99 -28.85 -27.40
C ASP A 95 -3.86 -28.54 -26.18
N GLY A 96 -3.34 -27.76 -25.23
CA GLY A 96 -4.00 -27.52 -23.97
C GLY A 96 -3.23 -27.98 -22.76
N ARG A 97 -2.17 -28.79 -22.95
CA ARG A 97 -1.30 -29.17 -21.84
C ARG A 97 -0.56 -27.94 -21.30
N ALA A 98 -0.47 -27.85 -19.99
CA ALA A 98 0.04 -26.66 -19.32
C ALA A 98 1.56 -26.67 -19.31
N VAL A 99 2.15 -25.59 -19.82
CA VAL A 99 3.60 -25.48 -19.93
C VAL A 99 4.24 -25.20 -18.58
N GLU A 100 5.44 -25.74 -18.37
CA GLU A 100 6.16 -25.41 -17.16
C GLU A 100 6.49 -23.93 -17.14
N ALA A 101 6.44 -23.35 -15.93
CA ALA A 101 6.92 -21.98 -15.74
C ALA A 101 8.37 -21.85 -16.19
N SER A 102 8.71 -20.66 -16.67
CA SER A 102 10.05 -20.30 -17.07
C SER A 102 10.95 -20.19 -15.84
N PHE A 103 12.27 -20.20 -16.08
CA PHE A 103 13.21 -20.10 -14.97
C PHE A 103 12.92 -18.88 -14.10
N GLY A 104 12.63 -17.74 -14.73
CA GLY A 104 12.31 -16.55 -13.97
C GLY A 104 11.03 -16.65 -13.15
N GLN A 105 9.96 -17.19 -13.76
CA GLN A 105 8.70 -17.32 -13.04
C GLN A 105 8.86 -18.22 -11.84
N SER A 106 9.68 -19.27 -11.97
CA SER A 106 9.85 -20.22 -10.88
C SER A 106 10.53 -19.58 -9.69
N GLY A 107 11.58 -18.80 -9.91
CA GLY A 107 12.20 -18.09 -8.81
C GLY A 107 11.25 -17.11 -8.17
N ILE A 108 10.50 -16.37 -9.00
CA ILE A 108 9.57 -15.38 -8.47
C ILE A 108 8.48 -16.04 -7.65
N TRP A 109 7.94 -17.14 -8.16
CA TRP A 109 6.83 -17.79 -7.48
C TRP A 109 7.24 -18.28 -6.10
N LEU A 110 8.49 -18.76 -5.98
CA LEU A 110 9.00 -19.28 -4.73
C LEU A 110 8.94 -18.23 -3.62
N ILE A 111 9.41 -17.02 -3.92
CA ILE A 111 9.51 -15.99 -2.90
C ILE A 111 8.18 -15.31 -2.59
N ASP A 112 7.14 -15.49 -3.41
CA ASP A 112 5.95 -14.66 -3.26
C ASP A 112 5.30 -14.89 -1.90
N GLN A 113 5.16 -13.82 -1.13
CA GLN A 113 4.49 -13.82 0.16
C GLN A 113 3.50 -12.68 0.23
N TYR A 114 2.88 -12.37 -0.91
CA TYR A 114 1.93 -11.25 -0.98
C TYR A 114 2.59 -9.94 -0.54
N LEU A 115 3.83 -9.74 -0.96
CA LEU A 115 4.56 -8.51 -0.68
C LEU A 115 4.22 -7.46 -1.73
N PRO A 116 4.61 -6.22 -1.49
CA PRO A 116 4.50 -5.22 -2.55
C PRO A 116 5.44 -5.54 -3.71
N ASN A 117 5.24 -4.82 -4.81
CA ASN A 117 6.16 -4.93 -5.93
C ASN A 117 7.60 -4.70 -5.45
N PRO A 118 8.53 -5.60 -5.80
CA PRO A 118 9.93 -5.47 -5.30
C PRO A 118 10.59 -4.17 -5.68
N ALA A 119 10.28 -3.61 -6.85
CA ALA A 119 10.97 -2.43 -7.34
C ALA A 119 9.96 -1.54 -8.04
N ALA A 120 10.31 -0.26 -8.15
CA ALA A 120 9.42 0.67 -8.82
C ALA A 120 9.69 0.81 -10.30
N TYR A 121 10.96 0.67 -10.75
CA TYR A 121 11.31 0.90 -12.17
C TYR A 121 10.57 -0.08 -13.08
N ASN A 122 10.27 -1.25 -12.57
CA ASN A 122 9.57 -2.24 -13.37
C ASN A 122 8.18 -2.53 -12.81
N GLY A 123 7.61 -1.60 -12.03
CA GLY A 123 6.39 -1.83 -11.32
C GLY A 123 5.20 -1.06 -11.85
N PRO A 124 4.22 -0.84 -11.00
CA PRO A 124 3.00 -0.15 -11.44
C PRO A 124 3.30 1.13 -12.19
N PHE A 125 2.54 1.38 -13.26
CA PHE A 125 2.77 2.49 -14.16
C PHE A 125 1.44 3.11 -14.59
N PHE A 126 1.58 4.29 -15.20
CA PHE A 126 0.45 5.02 -15.71
C PHE A 126 0.90 5.87 -16.90
N VAL A 127 -0.07 6.27 -17.71
CA VAL A 127 0.18 7.12 -18.85
C VAL A 127 -0.93 8.14 -18.90
N ARG A 128 -0.56 9.41 -19.09
CA ARG A 128 -1.50 10.50 -19.26
C ARG A 128 -1.90 10.58 -20.73
N LEU A 129 -3.21 10.58 -20.97
CA LEU A 129 -3.81 10.64 -22.29
C LEU A 129 -4.26 12.06 -22.64
N PRO A 130 -4.03 12.50 -23.87
CA PRO A 130 -4.47 13.84 -24.29
C PRO A 130 -5.93 13.87 -24.77
N PHE A 131 -6.68 12.83 -24.44
CA PHE A 131 -8.12 12.81 -24.62
C PHE A 131 -8.75 12.21 -23.37
N SER A 132 -10.06 12.27 -23.31
CA SER A 132 -10.83 11.70 -22.22
C SER A 132 -11.34 10.33 -22.67
N ALA A 133 -10.74 9.26 -22.16
CA ALA A 133 -11.04 7.93 -22.65
C ALA A 133 -12.44 7.49 -22.21
N ASP A 134 -13.13 6.79 -23.11
CA ASP A 134 -14.43 6.20 -22.75
C ASP A 134 -14.27 4.95 -21.89
N PRO A 135 -14.82 4.93 -20.66
CA PRO A 135 -14.49 3.81 -19.74
C PRO A 135 -14.92 2.44 -20.23
N ASP A 136 -16.09 2.34 -20.86
CA ASP A 136 -16.56 1.03 -21.30
C ASP A 136 -15.71 0.50 -22.44
N ARG A 137 -15.44 1.34 -23.43
CA ARG A 137 -14.55 0.91 -24.51
C ARG A 137 -13.12 0.65 -24.01
N LEU A 138 -12.64 1.43 -23.02
CA LEU A 138 -11.31 1.16 -22.43
C LEU A 138 -11.30 -0.20 -21.77
N HIS A 139 -12.38 -0.55 -21.07
CA HIS A 139 -12.44 -1.85 -20.44
C HIS A 139 -12.48 -2.94 -21.51
N ALA A 140 -13.23 -2.71 -22.58
CA ALA A 140 -13.29 -3.68 -23.68
C ALA A 140 -11.94 -3.77 -24.40
N ALA A 141 -11.26 -2.65 -24.55
CA ALA A 141 -9.86 -2.72 -25.03
C ALA A 141 -8.98 -3.57 -24.11
N VAL A 142 -9.12 -3.42 -22.78
CA VAL A 142 -8.31 -4.23 -21.88
C VAL A 142 -8.58 -5.72 -22.11
N ARG A 143 -9.85 -6.11 -22.27
CA ARG A 143 -10.15 -7.51 -22.55
C ARG A 143 -9.55 -7.95 -23.89
N GLY A 144 -9.52 -7.05 -24.88
CA GLY A 144 -8.75 -7.37 -26.10
C GLY A 144 -7.28 -7.64 -25.82
N VAL A 145 -6.66 -6.83 -24.93
CA VAL A 145 -5.24 -7.06 -24.63
C VAL A 145 -5.06 -8.42 -23.96
N LEU A 146 -5.99 -8.78 -23.06
CA LEU A 146 -5.89 -10.08 -22.41
C LEU A 146 -6.00 -11.20 -23.43
N ARG A 147 -6.82 -11.03 -24.45
CA ARG A 147 -6.95 -12.09 -25.46
C ARG A 147 -5.66 -12.25 -26.25
N ARG A 148 -5.02 -11.13 -26.59
CA ARG A 148 -3.77 -11.15 -27.36
C ARG A 148 -2.52 -11.36 -26.53
N GLN A 149 -2.61 -11.45 -25.21
CA GLN A 149 -1.43 -11.51 -24.33
C GLN A 149 -1.64 -12.58 -23.27
N GLU A 150 -1.20 -13.78 -23.59
CA GLU A 150 -1.59 -14.98 -22.86
C GLU A 150 -1.11 -14.98 -21.43
N VAL A 151 0.01 -14.32 -21.12
CA VAL A 151 0.48 -14.32 -19.75
C VAL A 151 -0.51 -13.61 -18.81
N LEU A 152 -1.26 -12.63 -19.31
CA LEU A 152 -2.25 -11.94 -18.49
C LEU A 152 -3.47 -12.80 -18.15
N ARG A 153 -3.57 -14.00 -18.71
CA ARG A 153 -4.65 -14.91 -18.39
C ARG A 153 -4.10 -16.17 -17.75
N THR A 154 -2.89 -16.09 -17.20
CA THR A 154 -2.15 -17.24 -16.69
C THR A 154 -2.09 -17.15 -15.17
N THR A 155 -2.43 -18.26 -14.50
CA THR A 155 -2.23 -18.47 -13.06
C THR A 155 -1.28 -19.65 -12.89
N TYR A 156 -0.83 -19.89 -11.65
CA TYR A 156 0.30 -20.77 -11.38
C TYR A 156 -0.05 -21.78 -10.31
N ALA A 157 0.47 -23.00 -10.45
CA ALA A 157 0.18 -24.06 -9.50
C ALA A 157 1.14 -25.24 -9.68
N LEU A 158 1.51 -25.87 -8.57
CA LEU A 158 2.34 -27.08 -8.62
C LEU A 158 1.50 -28.28 -9.05
N SER A 159 2.06 -29.08 -9.96
CA SER A 159 1.45 -30.30 -10.45
C SER A 159 2.55 -31.37 -10.43
N ASP A 160 2.60 -32.15 -9.35
CA ASP A 160 3.58 -33.22 -9.21
C ASP A 160 5.00 -32.66 -9.23
N GLY A 161 5.25 -31.68 -8.35
CA GLY A 161 6.58 -31.15 -8.18
C GLY A 161 7.06 -30.22 -9.26
N THR A 162 6.20 -29.82 -10.18
CA THR A 162 6.53 -28.91 -11.27
C THR A 162 5.55 -27.75 -11.29
N LEU A 163 6.09 -26.53 -11.29
CA LEU A 163 5.25 -25.34 -11.38
C LEU A 163 4.78 -25.14 -12.83
N ARG A 164 3.47 -24.93 -12.99
CA ARG A 164 2.89 -24.85 -14.31
C ARG A 164 2.11 -23.56 -14.52
N GLN A 165 2.11 -23.13 -15.77
CA GLN A 165 1.35 -21.97 -16.26
C GLN A 165 -0.01 -22.45 -16.79
N ASN A 166 -1.05 -22.17 -16.03
CA ASN A 166 -2.41 -22.57 -16.37
C ASN A 166 -3.09 -21.38 -17.05
N VAL A 167 -3.41 -21.55 -18.32
CA VAL A 167 -3.99 -20.50 -19.14
C VAL A 167 -5.50 -20.67 -19.15
N SER A 168 -6.20 -19.58 -18.92
CA SER A 168 -7.64 -19.50 -18.86
C SER A 168 -8.14 -18.78 -20.11
N ARG A 169 -9.39 -19.04 -20.48
CA ARG A 169 -10.00 -18.35 -21.62
C ARG A 169 -10.64 -17.02 -21.22
N ASP A 170 -10.77 -16.75 -19.91
N ASP A 170 -10.77 -16.77 -19.93
CA ASP A 170 -11.46 -15.58 -19.36
CA ASP A 170 -11.51 -15.61 -19.44
C ASP A 170 -10.66 -14.32 -19.66
C ASP A 170 -10.71 -14.34 -19.65
N ASP A 171 -11.14 -13.53 -20.61
CA ASP A 171 -10.48 -12.28 -20.96
C ASP A 171 -10.92 -11.11 -20.09
N ASP A 172 -11.62 -11.36 -18.98
N ASP A 172 -11.59 -11.39 -18.97
CA ASP A 172 -12.07 -10.32 -18.06
CA ASP A 172 -12.09 -10.37 -18.06
C ASP A 172 -11.39 -10.42 -16.70
C ASP A 172 -11.40 -10.44 -16.69
N ALA A 173 -10.36 -11.26 -16.56
CA ALA A 173 -9.62 -11.39 -15.30
C ALA A 173 -8.69 -10.18 -15.11
N VAL A 174 -9.30 -9.08 -14.76
CA VAL A 174 -8.56 -7.87 -14.47
C VAL A 174 -9.23 -7.15 -13.32
N VAL A 175 -8.41 -6.63 -12.40
CA VAL A 175 -8.91 -5.79 -11.31
C VAL A 175 -9.09 -4.36 -11.85
N PHE A 176 -10.34 -3.94 -11.96
CA PHE A 176 -10.71 -2.75 -12.72
C PHE A 176 -11.56 -1.80 -11.89
N GLU A 177 -11.45 -0.51 -12.25
CA GLU A 177 -12.30 0.52 -11.64
C GLU A 177 -12.22 1.74 -12.51
N VAL A 178 -13.24 2.59 -12.41
CA VAL A 178 -13.27 3.93 -12.97
C VAL A 178 -13.26 4.92 -11.82
N ALA A 179 -12.31 5.88 -11.83
CA ALA A 179 -12.25 6.89 -10.78
C ALA A 179 -11.90 8.24 -11.38
N ARG A 180 -11.96 9.30 -10.55
CA ARG A 180 -11.74 10.67 -10.99
C ARG A 180 -10.56 11.30 -10.27
N TYR A 181 -9.96 12.30 -10.92
CA TYR A 181 -8.90 13.13 -10.34
C TYR A 181 -9.02 14.50 -10.97
N GLY A 182 -8.51 15.50 -10.27
CA GLY A 182 -8.59 16.87 -10.72
C GLY A 182 -7.23 17.52 -10.77
N ASP A 183 -6.23 16.85 -10.19
CA ASP A 183 -4.84 17.31 -10.20
C ASP A 183 -3.94 16.11 -9.98
N ASP A 184 -2.62 16.39 -9.99
CA ASP A 184 -1.60 15.33 -9.89
C ASP A 184 -1.63 14.63 -8.54
N LYS A 185 -1.95 15.37 -7.47
CA LYS A 185 -2.08 14.74 -6.16
C LYS A 185 -3.23 13.72 -6.15
N GLU A 186 -4.38 14.10 -6.71
CA GLU A 186 -5.51 13.17 -6.77
C GLU A 186 -5.20 12.00 -7.67
N LEU A 187 -4.50 12.23 -8.80
CA LEU A 187 -4.05 11.13 -9.65
C LEU A 187 -3.08 10.20 -8.92
N ASP A 188 -2.07 10.77 -8.27
CA ASP A 188 -1.15 9.95 -7.49
C ASP A 188 -1.87 9.16 -6.39
N ALA A 189 -2.98 9.69 -5.87
CA ALA A 189 -3.75 8.87 -4.92
C ALA A 189 -4.32 7.63 -5.61
N LEU A 190 -4.82 7.80 -6.85
CA LEU A 190 -5.33 6.62 -7.60
C LEU A 190 -4.22 5.65 -7.96
N VAL A 191 -3.04 6.16 -8.32
CA VAL A 191 -1.88 5.31 -8.60
C VAL A 191 -1.49 4.48 -7.37
N HIS A 192 -1.50 5.11 -6.19
CA HIS A 192 -1.16 4.37 -4.97
C HIS A 192 -2.12 3.23 -4.71
N ARG A 193 -3.41 3.46 -4.93
CA ARG A 193 -4.34 2.36 -4.72
C ARG A 193 -4.02 1.20 -5.64
N VAL A 194 -3.81 1.49 -6.93
CA VAL A 194 -3.48 0.43 -7.88
C VAL A 194 -2.16 -0.22 -7.51
N ALA A 195 -1.18 0.59 -7.11
CA ALA A 195 0.17 0.07 -6.93
C ALA A 195 0.29 -0.81 -5.71
N ASN A 196 -0.59 -0.64 -4.73
N ASN A 196 -0.60 -0.64 -4.74
CA ASN A 196 -0.49 -1.39 -3.49
CA ASN A 196 -0.52 -1.40 -3.50
C ASN A 196 -1.40 -2.64 -3.47
C ASN A 196 -1.35 -2.67 -3.50
N LEU A 197 -2.05 -2.98 -4.59
CA LEU A 197 -2.73 -4.27 -4.66
C LEU A 197 -1.70 -5.39 -4.49
N ARG A 198 -2.13 -6.51 -3.91
CA ARG A 198 -1.30 -7.68 -3.68
C ARG A 198 -2.01 -8.82 -4.39
N LEU A 199 -1.66 -9.04 -5.66
CA LEU A 199 -2.40 -9.93 -6.54
C LEU A 199 -2.12 -11.39 -6.23
N ASP A 200 -3.13 -12.23 -6.47
CA ASP A 200 -3.13 -13.64 -6.13
C ASP A 200 -2.62 -14.43 -7.33
N LEU A 201 -1.52 -15.17 -7.14
CA LEU A 201 -0.95 -15.89 -8.27
C LEU A 201 -1.64 -17.21 -8.56
N ALA A 202 -2.36 -17.77 -7.60
CA ALA A 202 -3.04 -19.05 -7.79
C ALA A 202 -4.38 -18.88 -8.48
N ARG A 203 -5.07 -17.77 -8.18
CA ARG A 203 -6.42 -17.53 -8.68
C ARG A 203 -6.51 -16.33 -9.60
N GLY A 204 -5.58 -15.39 -9.50
CA GLY A 204 -5.65 -14.16 -10.27
C GLY A 204 -6.75 -13.26 -9.77
N PRO A 205 -6.95 -12.11 -10.43
CA PRO A 205 -6.18 -11.64 -11.58
C PRO A 205 -4.72 -11.33 -11.31
N VAL A 206 -3.90 -11.35 -12.36
CA VAL A 206 -2.52 -10.92 -12.28
C VAL A 206 -2.34 -9.52 -12.82
N ILE A 207 -3.43 -8.82 -13.19
CA ILE A 207 -3.36 -7.47 -13.73
C ILE A 207 -4.49 -6.62 -13.15
N ALA A 208 -4.18 -5.37 -12.85
CA ALA A 208 -5.13 -4.36 -12.45
C ALA A 208 -5.00 -3.20 -13.41
N VAL A 209 -6.15 -2.63 -13.76
CA VAL A 209 -6.21 -1.43 -14.57
C VAL A 209 -7.26 -0.50 -14.00
N THR A 210 -6.90 0.77 -13.89
CA THR A 210 -7.85 1.81 -13.57
C THR A 210 -7.95 2.77 -14.74
N CYS A 211 -9.17 3.08 -15.15
CA CYS A 211 -9.47 4.16 -16.09
C CYS A 211 -9.74 5.41 -15.27
N ALA A 212 -8.78 6.34 -15.28
CA ALA A 212 -8.88 7.54 -14.45
C ALA A 212 -9.33 8.72 -15.30
N LEU A 213 -10.46 9.31 -14.93
CA LEU A 213 -11.04 10.42 -15.67
C LEU A 213 -10.58 11.73 -15.04
N GLY A 214 -9.94 12.57 -15.86
CA GLY A 214 -9.40 13.83 -15.42
C GLY A 214 -10.28 15.00 -15.81
N PRO A 215 -9.80 16.21 -15.59
CA PRO A 215 -10.53 17.39 -16.08
C PRO A 215 -10.54 17.42 -17.59
N ALA A 216 -11.32 18.37 -18.13
CA ALA A 216 -11.20 18.82 -19.54
C ALA A 216 -11.11 17.59 -20.43
N ASN A 217 -10.16 17.51 -21.35
CA ASN A 217 -9.99 16.41 -22.29
C ASN A 217 -8.88 15.48 -21.84
N ARG A 218 -8.74 15.24 -20.54
CA ARG A 218 -7.62 14.52 -19.99
C ARG A 218 -8.13 13.24 -19.33
N SER A 219 -7.30 12.21 -19.36
CA SER A 219 -7.58 11.00 -18.61
C SER A 219 -6.26 10.25 -18.44
N ALA A 220 -6.30 9.14 -17.74
CA ALA A 220 -5.07 8.40 -17.56
C ALA A 220 -5.41 6.95 -17.37
N VAL A 221 -4.51 6.08 -17.83
CA VAL A 221 -4.59 4.65 -17.59
C VAL A 221 -3.53 4.28 -16.56
N ILE A 222 -3.95 3.56 -15.53
CA ILE A 222 -3.07 3.10 -14.46
C ILE A 222 -3.08 1.58 -14.49
N CYS A 223 -1.92 0.99 -14.36
CA CYS A 223 -1.83 -0.44 -14.56
C CYS A 223 -0.83 -1.03 -13.58
N ASN A 224 -1.21 -2.18 -13.03
CA ASN A 224 -0.34 -3.01 -12.23
C ASN A 224 -0.37 -4.41 -12.84
N ILE A 225 0.78 -4.90 -13.27
CA ILE A 225 0.95 -6.29 -13.69
C ILE A 225 1.91 -6.94 -12.71
N HIS A 226 1.50 -8.07 -12.15
CA HIS A 226 2.39 -8.78 -11.24
C HIS A 226 3.71 -9.05 -11.92
N HIS A 227 4.80 -8.87 -11.15
CA HIS A 227 6.14 -9.01 -11.74
C HIS A 227 6.42 -10.44 -12.22
N ILE A 228 5.62 -11.44 -11.83
CA ILE A 228 5.83 -12.75 -12.42
C ILE A 228 5.42 -12.77 -13.89
N ALA A 229 4.59 -11.83 -14.30
CA ALA A 229 4.03 -11.76 -15.64
C ALA A 229 4.50 -10.53 -16.39
N SER A 230 5.57 -9.88 -15.96
CA SER A 230 5.96 -8.65 -16.65
C SER A 230 7.41 -8.30 -16.33
N ASP A 231 7.87 -7.24 -16.95
CA ASP A 231 9.18 -6.65 -16.75
C ASP A 231 9.02 -5.20 -17.22
N ALA A 232 10.09 -4.44 -17.15
CA ALA A 232 9.99 -3.03 -17.48
C ALA A 232 9.42 -2.82 -18.88
N ALA A 233 9.89 -3.60 -19.85
CA ALA A 233 9.47 -3.41 -21.23
C ALA A 233 8.00 -3.79 -21.43
N SER A 234 7.45 -4.66 -20.58
CA SER A 234 6.04 -5.03 -20.73
C SER A 234 5.12 -3.81 -20.70
N ALA A 235 5.51 -2.74 -20.03
CA ALA A 235 4.59 -1.60 -19.94
C ALA A 235 4.34 -1.00 -21.32
N GLY A 236 5.41 -0.78 -22.10
CA GLY A 236 5.25 -0.35 -23.48
C GLY A 236 4.39 -1.28 -24.32
N VAL A 237 4.62 -2.59 -24.18
CA VAL A 237 3.83 -3.57 -24.92
C VAL A 237 2.35 -3.42 -24.56
N PHE A 238 2.05 -3.32 -23.25
CA PHE A 238 0.65 -3.25 -22.81
C PHE A 238 -0.03 -2.02 -23.36
N LEU A 239 0.64 -0.86 -23.27
CA LEU A 239 0.01 0.37 -23.73
C LEU A 239 -0.15 0.40 -25.25
N ARG A 240 0.80 -0.16 -26.02
CA ARG A 240 0.60 -0.19 -27.46
C ARG A 240 -0.58 -1.09 -27.80
N GLU A 241 -0.64 -2.26 -27.19
CA GLU A 241 -1.76 -3.17 -27.43
C GLU A 241 -3.08 -2.54 -27.02
N LEU A 242 -3.08 -1.82 -25.90
CA LEU A 242 -4.32 -1.25 -25.40
C LEU A 242 -4.82 -0.14 -26.30
N LEU A 243 -3.93 0.75 -26.75
CA LEU A 243 -4.36 1.85 -27.60
C LEU A 243 -4.76 1.36 -28.99
N ASP A 244 -4.06 0.34 -29.49
CA ASP A 244 -4.45 -0.25 -30.76
C ASP A 244 -5.85 -0.87 -30.63
N ALA A 245 -6.09 -1.63 -29.57
CA ALA A 245 -7.39 -2.26 -29.37
C ALA A 245 -8.48 -1.22 -29.17
N TYR A 246 -8.22 -0.19 -28.35
CA TYR A 246 -9.16 0.90 -28.21
C TYR A 246 -9.57 1.46 -29.57
N ASP A 247 -8.62 1.75 -30.44
CA ASP A 247 -8.93 2.36 -31.74
C ASP A 247 -9.69 1.40 -32.64
N ARG A 248 -9.29 0.13 -32.69
CA ARG A 248 -9.98 -0.87 -33.49
C ARG A 248 -11.43 -1.03 -33.04
N LEU A 249 -11.65 -1.14 -31.73
CA LEU A 249 -13.01 -1.29 -31.22
C LEU A 249 -13.87 -0.07 -31.56
N GLY A 250 -13.26 1.11 -31.60
CA GLY A 250 -13.98 2.30 -32.02
C GLY A 250 -14.42 2.22 -33.47
N ARG A 251 -13.59 1.65 -34.33
CA ARG A 251 -13.92 1.45 -35.74
C ARG A 251 -14.69 0.14 -35.98
N GLY A 252 -15.18 -0.50 -34.94
CA GLY A 252 -15.93 -1.73 -35.14
C GLY A 252 -15.13 -2.92 -35.65
N LEU A 253 -13.79 -2.84 -35.66
CA LEU A 253 -12.97 -3.96 -36.05
C LEU A 253 -12.77 -4.93 -34.90
N PRO A 254 -12.43 -6.18 -35.19
CA PRO A 254 -12.18 -7.16 -34.13
C PRO A 254 -10.79 -7.03 -33.53
N VAL A 255 -10.66 -7.53 -32.30
CA VAL A 255 -9.39 -7.58 -31.59
C VAL A 255 -9.21 -8.99 -31.06
N GLU A 256 -8.27 -9.74 -31.63
CA GLU A 256 -8.12 -11.14 -31.29
C GLU A 256 -6.65 -11.52 -31.34
N ALA A 257 -6.37 -12.70 -30.80
CA ALA A 257 -5.02 -13.23 -30.71
C ALA A 257 -4.39 -13.33 -32.09
N ASP A 258 -3.10 -13.04 -32.15
CA ASP A 258 -2.28 -13.28 -33.34
C ASP A 258 -1.75 -14.70 -33.25
N PRO A 259 -2.24 -15.64 -34.06
CA PRO A 259 -1.76 -17.03 -33.92
C PRO A 259 -0.33 -17.22 -34.39
N LEU A 260 0.20 -16.32 -35.20
CA LEU A 260 1.59 -16.45 -35.62
C LEU A 260 2.56 -15.89 -34.60
N ARG A 261 2.10 -15.17 -33.61
CA ARG A 261 3.02 -14.66 -32.62
C ARG A 261 3.31 -15.72 -31.55
N PRO A 262 4.57 -15.89 -31.15
CA PRO A 262 4.84 -16.81 -30.05
C PRO A 262 4.21 -16.29 -28.76
N THR A 263 4.00 -17.22 -27.83
CA THR A 263 3.52 -16.89 -26.50
C THR A 263 4.69 -16.87 -25.50
N TYR A 264 4.37 -16.49 -24.25
CA TYR A 264 5.35 -16.59 -23.19
C TYR A 264 5.64 -18.04 -22.88
N GLY A 265 4.65 -18.91 -23.07
CA GLY A 265 4.88 -20.35 -22.94
C GLY A 265 5.85 -20.89 -23.97
N ASP A 266 5.79 -20.37 -25.21
CA ASP A 266 6.79 -20.76 -26.19
C ASP A 266 8.18 -20.36 -25.72
N PHE A 267 8.33 -19.08 -25.32
CA PHE A 267 9.60 -18.58 -24.78
C PHE A 267 10.08 -19.41 -23.59
N SER A 268 9.17 -19.83 -22.71
CA SER A 268 9.56 -20.64 -21.56
C SER A 268 10.16 -21.97 -22.00
N GLN A 269 9.59 -22.58 -23.05
CA GLN A 269 10.12 -23.84 -23.54
C GLN A 269 11.44 -23.61 -24.27
N TRP A 270 11.48 -22.57 -25.12
CA TRP A 270 12.69 -22.20 -25.80
C TRP A 270 13.83 -21.98 -24.80
N TYR A 271 13.56 -21.32 -23.67
CA TYR A 271 14.62 -21.05 -22.69
C TYR A 271 15.18 -22.35 -22.12
N ARG A 272 14.29 -23.31 -21.81
CA ARG A 272 14.68 -24.61 -21.31
C ARG A 272 15.44 -25.42 -22.33
N GLU A 273 15.14 -25.22 -23.61
CA GLU A 273 15.90 -25.92 -24.63
C GLU A 273 17.27 -25.30 -24.81
N LEU A 274 17.34 -23.95 -24.76
CA LEU A 274 18.62 -23.26 -24.80
C LEU A 274 19.53 -23.72 -23.67
N MSE A 275 18.99 -23.81 -22.46
CA MSE A 275 19.74 -24.25 -21.31
C MSE A 275 19.71 -25.78 -21.18
O MSE A 275 19.27 -26.32 -20.16
CB MSE A 275 19.20 -23.59 -20.03
CG MSE A 275 19.58 -22.10 -19.94
SE MSE A 275 21.46 -21.80 -19.71
CE MSE A 275 22.03 -21.13 -21.32
H MSE A 275 18.17 -23.62 -22.28
HA MSE A 275 20.66 -23.97 -21.41
HB2 MSE A 275 18.23 -23.67 -20.02
HB3 MSE A 275 19.58 -24.04 -19.26
HG2 MSE A 275 19.29 -21.66 -20.75
HG3 MSE A 275 19.11 -21.71 -19.17
HE1 MSE A 275 21.60 -20.28 -21.48
HE2 MSE A 275 23.00 -21.02 -21.29
HE3 MSE A 275 21.79 -21.76 -22.03
N ASN A 276 20.18 -26.48 -22.20
CA ASN A 276 20.39 -27.91 -22.06
C ASN A 276 21.45 -28.15 -20.98
N PRO A 277 21.56 -29.37 -20.48
CA PRO A 277 22.42 -29.60 -19.31
C PRO A 277 23.86 -29.15 -19.49
N GLU A 278 24.44 -29.37 -20.66
CA GLU A 278 25.83 -28.95 -20.89
C GLU A 278 25.94 -27.44 -20.98
N ALA A 279 25.01 -26.80 -21.69
CA ALA A 279 25.06 -25.36 -21.80
C ALA A 279 24.79 -24.68 -20.46
N LEU A 280 23.97 -25.29 -19.62
CA LEU A 280 23.66 -24.72 -18.32
C LEU A 280 24.84 -24.88 -17.36
N THR A 281 25.44 -26.07 -17.31
CA THR A 281 26.63 -26.27 -16.49
C THR A 281 27.75 -25.32 -16.91
N ARG A 282 27.98 -25.18 -18.21
CA ARG A 282 28.99 -24.25 -18.66
C ARG A 282 28.74 -22.83 -18.09
N SER A 283 27.52 -22.32 -18.22
CA SER A 283 27.29 -20.93 -17.79
C SER A 283 27.35 -20.79 -16.28
N LEU A 284 26.80 -21.79 -15.57
CA LEU A 284 26.91 -21.81 -14.12
C LEU A 284 28.38 -21.90 -13.71
N ASP A 285 29.16 -22.73 -14.40
CA ASP A 285 30.56 -22.89 -14.05
C ASP A 285 31.26 -21.55 -14.11
N HIS A 286 30.91 -20.73 -15.08
CA HIS A 286 31.54 -19.42 -15.18
C HIS A 286 31.32 -18.58 -13.92
N PHE A 287 30.06 -18.39 -13.53
CA PHE A 287 29.78 -17.56 -12.38
C PHE A 287 30.30 -18.18 -11.09
N ALA A 288 30.26 -19.52 -11.00
CA ALA A 288 30.75 -20.19 -9.79
C ALA A 288 32.24 -19.93 -9.59
N ALA A 289 32.99 -19.87 -10.69
CA ALA A 289 34.40 -19.53 -10.60
C ALA A 289 34.59 -18.06 -10.27
N ARG A 290 33.88 -17.17 -10.98
CA ARG A 290 34.04 -15.74 -10.76
C ARG A 290 33.68 -15.35 -9.33
N LEU A 291 32.62 -15.94 -8.78
CA LEU A 291 32.07 -15.55 -7.49
C LEU A 291 32.44 -16.55 -6.42
N ALA A 292 33.52 -17.30 -6.61
CA ALA A 292 33.92 -18.29 -5.62
C ALA A 292 34.39 -17.63 -4.32
N GLY A 293 34.25 -18.36 -3.22
CA GLY A 293 34.86 -17.95 -1.96
C GLY A 293 33.90 -17.14 -1.09
N GLU A 294 34.50 -16.45 -0.12
CA GLU A 294 33.73 -15.62 0.79
C GLU A 294 33.40 -14.33 0.05
N LEU A 295 32.13 -14.15 -0.29
CA LEU A 295 31.77 -12.93 -0.98
C LEU A 295 31.56 -11.77 -0.01
N PRO A 296 31.85 -10.55 -0.43
CA PRO A 296 31.57 -9.41 0.43
C PRO A 296 30.07 -9.15 0.47
N VAL A 297 29.61 -8.69 1.62
CA VAL A 297 28.25 -8.22 1.84
C VAL A 297 28.30 -6.70 1.93
N LEU A 298 27.55 -6.03 1.05
CA LEU A 298 27.56 -4.56 0.99
C LEU A 298 27.39 -3.98 2.38
N ASP A 299 28.33 -3.13 2.77
CA ASP A 299 28.40 -2.57 4.12
C ASP A 299 28.24 -1.05 4.05
N LEU A 300 27.07 -0.60 3.65
CA LEU A 300 26.82 0.82 3.58
C LEU A 300 26.53 1.37 4.98
N PRO A 301 26.94 2.61 5.24
CA PRO A 301 26.50 3.28 6.47
C PRO A 301 25.01 3.55 6.41
N THR A 302 24.30 3.19 7.46
CA THR A 302 22.86 3.30 7.53
C THR A 302 22.49 4.17 8.72
N ASP A 303 21.26 4.69 8.69
CA ASP A 303 20.69 5.37 9.84
C ASP A 303 20.12 4.37 10.83
N ARG A 304 19.81 3.16 10.40
CA ARG A 304 19.26 2.16 11.29
C ARG A 304 19.91 0.83 10.95
N PRO A 305 20.02 -0.07 11.91
CA PRO A 305 20.42 -1.43 11.58
C PRO A 305 19.31 -2.14 10.84
N ARG A 306 19.69 -3.18 10.13
CA ARG A 306 18.74 -4.04 9.47
C ARG A 306 17.81 -4.62 10.53
N PRO A 307 16.50 -4.41 10.43
CA PRO A 307 15.60 -4.88 11.47
C PRO A 307 15.33 -6.36 11.33
N PRO A 308 14.98 -7.03 12.42
CA PRO A 308 14.58 -8.44 12.32
C PRO A 308 13.39 -8.66 11.41
N VAL A 309 12.42 -7.77 11.45
CA VAL A 309 11.22 -7.82 10.63
C VAL A 309 11.40 -6.79 9.53
N LYS A 310 11.48 -7.26 8.29
CA LYS A 310 11.48 -6.34 7.17
C LYS A 310 10.08 -5.76 7.00
N GLN A 311 10.00 -4.45 6.80
CA GLN A 311 8.72 -3.78 6.60
C GLN A 311 8.39 -3.47 5.15
N HIS A 312 9.32 -3.75 4.21
CA HIS A 312 9.06 -3.66 2.76
C HIS A 312 8.64 -2.24 2.37
N ARG A 313 9.41 -1.25 2.85
CA ARG A 313 9.06 0.16 2.70
C ARG A 313 10.14 0.84 1.87
N GLY A 314 9.88 0.96 0.58
CA GLY A 314 10.82 1.57 -0.33
C GLY A 314 10.57 3.07 -0.47
N GLY A 315 11.67 3.82 -0.60
CA GLY A 315 11.63 5.19 -1.04
C GLY A 315 12.31 5.35 -2.40
N THR A 316 12.08 6.51 -3.02
CA THR A 316 12.79 6.89 -4.24
C THR A 316 13.27 8.33 -4.10
N LEU A 317 14.34 8.64 -4.78
CA LEU A 317 14.94 9.95 -4.75
C LEU A 317 15.58 10.19 -6.11
N PRO A 318 15.21 11.25 -6.80
CA PRO A 318 15.84 11.54 -8.10
C PRO A 318 17.27 12.01 -7.91
N LEU A 319 18.14 11.60 -8.85
CA LEU A 319 19.55 11.99 -8.72
C LEU A 319 19.73 13.48 -8.95
N HIS A 320 19.07 14.03 -9.96
CA HIS A 320 19.30 15.40 -10.42
C HIS A 320 20.73 15.54 -10.94
N LEU A 321 21.12 14.64 -11.81
CA LEU A 321 22.41 14.70 -12.48
C LEU A 321 22.38 15.82 -13.51
N PRO A 322 23.23 16.85 -13.40
CA PRO A 322 23.15 17.97 -14.35
C PRO A 322 23.26 17.48 -15.77
N ALA A 323 22.52 18.14 -16.65
CA ALA A 323 22.52 17.76 -18.06
C ALA A 323 23.94 17.80 -18.65
N ALA A 324 24.72 18.81 -18.31
CA ALA A 324 26.10 18.90 -18.77
C ALA A 324 26.91 17.68 -18.34
N ALA A 325 26.94 17.39 -17.03
CA ALA A 325 27.67 16.24 -16.53
C ALA A 325 27.17 14.95 -17.18
N ALA A 326 25.85 14.83 -17.36
CA ALA A 326 25.31 13.63 -18.00
C ALA A 326 25.79 13.49 -19.44
N ASP A 327 25.81 14.59 -20.19
CA ASP A 327 26.26 14.53 -21.58
C ASP A 327 27.75 14.20 -21.65
N ASP A 328 28.54 14.77 -20.75
CA ASP A 328 29.96 14.46 -20.68
C ASP A 328 30.20 13.01 -20.32
N PHE A 329 29.37 12.46 -19.43
CA PHE A 329 29.53 11.07 -19.03
C PHE A 329 29.25 10.13 -20.20
N GLU A 330 28.26 10.48 -21.01
CA GLU A 330 28.00 9.69 -22.22
C GLU A 330 29.16 9.83 -23.21
N ALA A 331 29.73 11.03 -23.30
CA ALA A 331 30.87 11.27 -24.19
C ALA A 331 32.09 10.47 -23.74
N LEU A 332 32.32 10.43 -22.42
CA LEU A 332 33.38 9.58 -21.89
C LEU A 332 33.22 8.16 -22.38
N ALA A 333 32.02 7.59 -22.24
CA ALA A 333 31.86 6.18 -22.56
C ALA A 333 32.33 5.88 -23.96
N ARG A 334 31.79 6.59 -24.96
CA ARG A 334 32.12 6.23 -26.34
C ARG A 334 33.58 6.58 -26.66
N THR A 335 34.09 7.66 -26.09
CA THR A 335 35.48 8.00 -26.26
C THR A 335 36.41 6.90 -25.75
N GLU A 336 36.01 6.17 -24.70
CA GLU A 336 36.85 5.14 -24.11
C GLU A 336 36.51 3.75 -24.63
N GLY A 337 35.59 3.65 -25.57
CA GLY A 337 35.25 2.35 -26.09
C GLY A 337 34.50 1.44 -25.14
N VAL A 338 33.68 2.01 -24.25
CA VAL A 338 32.81 1.22 -23.38
C VAL A 338 31.37 1.64 -23.60
N THR A 339 30.43 0.70 -23.42
CA THR A 339 29.02 1.11 -23.45
C THR A 339 28.74 2.07 -22.29
N LEU A 340 27.65 2.80 -22.42
CA LEU A 340 27.15 3.65 -21.33
C LEU A 340 26.92 2.83 -20.07
N PHE A 341 26.33 1.65 -20.22
CA PHE A 341 26.12 0.79 -19.06
C PHE A 341 27.44 0.44 -18.37
N MSE A 342 28.46 0.06 -19.15
CA MSE A 342 29.76 -0.26 -18.55
C MSE A 342 30.28 0.91 -17.72
O MSE A 342 30.78 0.74 -16.62
CB MSE A 342 30.82 -0.66 -19.58
CG MSE A 342 30.43 -1.91 -20.35
SE MSE A 342 31.56 -2.29 -21.91
CE MSE A 342 30.94 -4.06 -22.39
H MSE A 342 28.43 0.00 -20.00
HA MSE A 342 29.62 -1.04 -17.98
HB2 MSE A 342 30.92 0.06 -20.22
HB3 MSE A 342 31.65 -0.84 -19.13
HG2 MSE A 342 30.51 -2.67 -19.75
HG3 MSE A 342 29.52 -1.81 -20.66
HE1 MSE A 342 30.00 -4.02 -22.62
HE2 MSE A 342 31.45 -4.37 -23.16
HE3 MSE A 342 31.07 -4.65 -21.64
N ALA A 343 30.12 2.11 -18.28
CA ALA A 343 30.56 3.31 -17.59
C ALA A 343 29.83 3.53 -16.27
N LEU A 344 28.48 3.38 -16.27
CA LEU A 344 27.72 3.53 -15.03
C LEU A 344 28.13 2.47 -14.02
N VAL A 345 28.36 1.25 -14.48
CA VAL A 345 28.76 0.17 -13.58
C VAL A 345 30.06 0.50 -12.91
N ALA A 346 31.00 1.10 -13.66
CA ALA A 346 32.29 1.44 -13.08
C ALA A 346 32.15 2.56 -12.07
N ALA A 347 31.47 3.64 -12.45
CA ALA A 347 31.33 4.76 -11.53
C ALA A 347 30.53 4.35 -10.28
N TYR A 348 29.49 3.55 -10.46
CA TYR A 348 28.76 3.09 -9.29
C TYR A 348 29.65 2.24 -8.38
N ALA A 349 30.46 1.35 -8.97
CA ALA A 349 31.35 0.54 -8.16
C ALA A 349 32.33 1.42 -7.38
N VAL A 350 32.82 2.49 -8.01
CA VAL A 350 33.73 3.37 -7.28
C VAL A 350 32.99 4.03 -6.14
N PHE A 351 31.76 4.47 -6.41
CA PHE A 351 30.95 5.10 -5.37
C PHE A 351 30.75 4.14 -4.19
N LEU A 352 30.41 2.88 -4.47
CA LEU A 352 30.20 1.92 -3.39
C LEU A 352 31.51 1.60 -2.65
N SER A 353 32.61 1.45 -3.37
CA SER A 353 33.86 1.12 -2.71
C SER A 353 34.22 2.22 -1.71
N ARG A 354 34.14 3.48 -2.12
CA ARG A 354 34.40 4.58 -1.20
C ARG A 354 33.47 4.52 0.02
N HIS A 355 32.16 4.36 -0.19
CA HIS A 355 31.21 4.48 0.94
C HIS A 355 31.28 3.31 1.90
N THR A 356 31.63 2.13 1.40
CA THR A 356 31.71 0.96 2.27
C THR A 356 33.10 0.73 2.85
N GLY A 357 34.13 1.33 2.27
CA GLY A 357 35.49 0.89 2.59
C GLY A 357 35.82 -0.52 2.14
N GLN A 358 35.14 -1.02 1.10
CA GLN A 358 35.33 -2.37 0.62
C GLN A 358 35.92 -2.30 -0.77
N ARG A 359 36.98 -3.11 -0.99
CA ARG A 359 37.64 -3.21 -2.30
C ARG A 359 36.74 -3.88 -3.33
N ARG A 360 36.11 -4.99 -2.94
CA ARG A 360 35.28 -5.79 -3.82
C ARG A 360 33.82 -5.42 -3.59
N VAL A 361 33.12 -5.13 -4.67
CA VAL A 361 31.70 -4.84 -4.64
C VAL A 361 30.99 -5.68 -5.69
N LEU A 362 29.81 -6.14 -5.32
CA LEU A 362 28.93 -6.90 -6.18
C LEU A 362 27.72 -6.06 -6.52
N ILE A 363 27.39 -5.99 -7.80
CA ILE A 363 26.29 -5.21 -8.31
C ILE A 363 25.46 -6.14 -9.16
N GLY A 364 24.17 -6.29 -8.83
CA GLY A 364 23.26 -7.02 -9.65
C GLY A 364 22.70 -6.13 -10.73
N SER A 365 22.41 -6.75 -11.87
CA SER A 365 21.76 -6.04 -12.95
C SER A 365 20.75 -6.91 -13.70
N PRO A 366 19.54 -6.40 -13.91
CA PRO A 366 18.51 -7.17 -14.64
C PRO A 366 18.72 -7.02 -16.14
N VAL A 367 19.18 -8.07 -16.79
CA VAL A 367 19.53 -8.03 -18.19
C VAL A 367 18.34 -8.52 -19.00
N SER A 368 17.99 -7.75 -20.03
CA SER A 368 16.91 -8.11 -20.92
C SER A 368 17.24 -9.36 -21.72
N LEU A 369 16.25 -10.22 -21.86
CA LEU A 369 16.33 -11.41 -22.68
C LEU A 369 15.52 -11.24 -23.97
N ARG A 370 15.19 -10.01 -24.34
CA ARG A 370 14.41 -9.75 -25.55
C ARG A 370 15.26 -9.57 -26.80
N ASP A 371 16.30 -10.40 -26.99
CA ASP A 371 17.17 -10.27 -28.16
C ASP A 371 16.43 -10.57 -29.45
N ASP A 372 15.67 -11.63 -29.45
CA ASP A 372 14.89 -12.01 -30.60
C ASP A 372 13.70 -11.09 -30.82
N PRO A 373 13.56 -10.48 -32.01
CA PRO A 373 12.45 -9.54 -32.23
C PRO A 373 11.10 -10.17 -32.07
N ALA A 374 10.99 -11.49 -32.14
CA ALA A 374 9.70 -12.13 -31.89
C ALA A 374 9.21 -11.96 -30.45
N THR A 375 10.05 -11.44 -29.54
CA THR A 375 9.63 -11.18 -28.16
C THR A 375 9.19 -9.74 -27.93
N HIS A 376 9.36 -8.86 -28.92
CA HIS A 376 9.28 -7.43 -28.66
C HIS A 376 7.87 -6.93 -28.44
N GLU A 377 6.85 -7.71 -28.78
CA GLU A 377 5.47 -7.34 -28.49
C GLU A 377 4.82 -8.35 -27.57
N LEU A 378 5.61 -8.94 -26.69
CA LEU A 378 5.09 -9.86 -25.69
C LEU A 378 5.21 -9.26 -24.31
N ILE A 379 4.13 -9.35 -23.56
CA ILE A 379 4.15 -9.09 -22.12
C ILE A 379 4.66 -10.35 -21.42
N GLY A 380 5.63 -10.18 -20.53
CA GLY A 380 6.08 -11.27 -19.69
C GLY A 380 7.41 -10.93 -19.06
N TYR A 381 7.89 -11.87 -18.24
CA TYR A 381 9.14 -11.69 -17.53
C TYR A 381 10.30 -12.15 -18.44
N PHE A 382 10.84 -11.20 -19.18
CA PHE A 382 11.92 -11.45 -20.13
C PHE A 382 13.22 -10.84 -19.60
N VAL A 383 13.61 -11.25 -18.40
CA VAL A 383 14.76 -10.69 -17.71
C VAL A 383 15.48 -11.81 -16.99
N ASN A 384 16.79 -11.65 -16.82
CA ASN A 384 17.58 -12.46 -15.90
C ASN A 384 18.53 -11.56 -15.13
N LEU A 385 18.54 -11.70 -13.82
CA LEU A 385 19.50 -10.99 -12.97
C LEU A 385 20.91 -11.59 -13.13
N VAL A 386 21.87 -10.73 -13.37
CA VAL A 386 23.27 -11.12 -13.57
C VAL A 386 24.11 -10.42 -12.54
N VAL A 387 25.07 -11.13 -11.95
CA VAL A 387 25.94 -10.59 -10.92
C VAL A 387 27.27 -10.15 -11.53
N LEU A 388 27.62 -8.89 -11.26
CA LEU A 388 28.87 -8.26 -11.65
C LEU A 388 29.73 -8.00 -10.43
N GLN A 389 30.97 -8.44 -10.47
CA GLN A 389 31.91 -8.22 -9.37
C GLN A 389 33.01 -7.26 -9.80
N GLN A 390 33.34 -6.30 -8.95
CA GLN A 390 34.41 -5.37 -9.26
C GLN A 390 35.31 -5.18 -8.05
N GLU A 391 36.61 -5.01 -8.34
N GLU A 391 36.62 -5.04 -8.32
CA GLU A 391 37.64 -4.73 -7.33
CA GLU A 391 37.61 -4.73 -7.30
C GLU A 391 38.14 -3.31 -7.56
C GLU A 391 38.14 -3.32 -7.54
N ILE A 392 38.03 -2.47 -6.53
CA ILE A 392 38.39 -1.06 -6.65
C ILE A 392 39.43 -0.72 -5.59
N ASP A 393 40.47 0.02 -6.00
CA ASP A 393 41.28 0.77 -5.03
C ASP A 393 41.63 2.11 -5.64
N ASP A 394 42.08 3.04 -4.80
CA ASP A 394 42.17 4.43 -5.21
C ASP A 394 43.45 4.76 -5.98
N ARG A 395 44.31 3.78 -6.32
CA ARG A 395 45.42 4.03 -7.22
C ARG A 395 45.08 3.71 -8.67
N MSE A 396 43.98 3.03 -8.94
CA MSE A 396 43.49 2.84 -10.30
C MSE A 396 43.03 4.18 -10.86
O MSE A 396 42.59 5.08 -10.13
CB MSE A 396 42.32 1.88 -10.28
CG MSE A 396 42.61 0.60 -9.58
SE MSE A 396 40.93 -0.54 -9.61
CE MSE A 396 41.57 -2.08 -8.63
H MSE A 396 43.49 2.66 -8.33
HA MSE A 396 44.19 2.48 -10.88
HB2 MSE A 396 41.58 2.30 -9.83
HB3 MSE A 396 42.06 1.66 -11.20
HG2 MSE A 396 43.32 0.12 -10.04
HG3 MSE A 396 42.87 0.76 -8.66
HE1 MSE A 396 41.65 -1.85 -7.70
HE2 MSE A 396 40.94 -2.81 -8.75
HE3 MSE A 396 42.44 -2.34 -8.98
N THR A 397 43.13 4.33 -12.16
CA THR A 397 42.60 5.51 -12.80
C THR A 397 41.15 5.27 -13.21
N VAL A 398 40.47 6.36 -13.58
CA VAL A 398 39.17 6.25 -14.22
C VAL A 398 39.26 5.26 -15.38
N ARG A 399 40.23 5.45 -16.28
CA ARG A 399 40.30 4.57 -17.44
C ARG A 399 40.51 3.12 -17.01
N ASP A 400 41.31 2.88 -15.96
CA ASP A 400 41.50 1.51 -15.49
C ASP A 400 40.16 0.86 -15.17
N VAL A 401 39.31 1.57 -14.40
CA VAL A 401 38.07 0.94 -13.92
C VAL A 401 37.07 0.78 -15.05
N LEU A 402 37.05 1.72 -16.00
CA LEU A 402 36.20 1.58 -17.18
C LEU A 402 36.54 0.31 -17.94
N ARG A 403 37.82 -0.02 -18.04
CA ARG A 403 38.21 -1.15 -18.89
C ARG A 403 38.04 -2.46 -18.15
N ARG A 404 38.25 -2.44 -16.83
CA ARG A 404 37.95 -3.60 -15.98
C ARG A 404 36.44 -3.88 -15.93
N ALA A 405 35.60 -2.83 -15.95
CA ALA A 405 34.16 -3.04 -16.02
C ALA A 405 33.78 -3.62 -17.38
N ARG A 406 34.47 -3.17 -18.45
CA ARG A 406 34.21 -3.70 -19.80
C ARG A 406 34.43 -5.20 -19.85
N GLU A 407 35.56 -5.68 -19.30
CA GLU A 407 35.78 -7.12 -19.25
C GLU A 407 34.77 -7.86 -18.38
N GLU A 408 34.41 -7.31 -17.20
CA GLU A 408 33.45 -8.00 -16.34
C GLU A 408 32.05 -8.09 -16.99
N VAL A 409 31.58 -6.98 -17.54
CA VAL A 409 30.26 -6.93 -18.18
C VAL A 409 30.25 -7.83 -19.40
N SER A 410 31.29 -7.75 -20.23
CA SER A 410 31.36 -8.54 -21.44
C SER A 410 31.21 -10.03 -21.13
N GLU A 411 31.99 -10.55 -20.17
CA GLU A 411 31.89 -11.96 -19.85
C GLU A 411 30.54 -12.31 -19.25
N ALA A 412 29.97 -11.43 -18.43
CA ALA A 412 28.70 -11.75 -17.78
C ALA A 412 27.59 -11.81 -18.80
N LEU A 413 27.55 -10.86 -19.71
CA LEU A 413 26.58 -10.84 -20.78
C LEU A 413 26.76 -12.04 -21.70
N ARG A 414 27.98 -12.53 -21.87
CA ARG A 414 28.19 -13.75 -22.63
C ARG A 414 27.55 -14.95 -21.96
N HIS A 415 27.37 -14.91 -20.65
CA HIS A 415 26.73 -16.02 -19.94
C HIS A 415 25.41 -15.61 -19.29
N LYS A 416 24.74 -14.61 -19.86
CA LYS A 416 23.58 -14.00 -19.22
C LYS A 416 22.39 -14.94 -19.08
N TRP A 417 22.33 -16.03 -19.88
CA TRP A 417 21.17 -16.94 -19.81
C TRP A 417 21.23 -17.85 -18.60
N ALA A 418 22.31 -17.82 -17.82
CA ALA A 418 22.36 -18.62 -16.60
C ALA A 418 21.31 -18.13 -15.58
N PRO A 419 20.27 -18.89 -15.31
CA PRO A 419 19.21 -18.39 -14.44
C PRO A 419 19.76 -18.02 -13.07
N PHE A 420 19.49 -16.79 -12.63
CA PHE A 420 20.02 -16.28 -11.37
C PHE A 420 19.83 -17.24 -10.22
N ASP A 421 18.65 -17.90 -10.14
CA ASP A 421 18.34 -18.75 -9.00
C ASP A 421 19.19 -20.02 -9.00
N LYS A 422 19.54 -20.53 -10.18
CA LYS A 422 20.49 -21.61 -10.28
C LYS A 422 21.93 -21.17 -9.99
N VAL A 423 22.29 -19.94 -10.38
CA VAL A 423 23.57 -19.40 -9.92
C VAL A 423 23.61 -19.38 -8.41
N VAL A 424 22.50 -18.94 -7.78
CA VAL A 424 22.45 -18.90 -6.31
C VAL A 424 22.60 -20.30 -5.73
N GLU A 425 21.81 -21.24 -6.24
CA GLU A 425 21.89 -22.60 -5.75
C GLU A 425 23.30 -23.17 -5.90
N ARG A 426 23.98 -22.86 -6.99
CA ARG A 426 25.31 -23.41 -7.19
C ARG A 426 26.34 -22.80 -6.24
N LEU A 427 26.15 -21.54 -5.84
CA LEU A 427 27.10 -20.88 -4.95
C LEU A 427 26.85 -21.12 -3.46
N GLN A 428 25.65 -21.50 -3.05
CA GLN A 428 25.34 -21.84 -1.67
C GLN A 428 25.75 -20.73 -0.67
N PRO A 429 25.38 -19.50 -0.93
CA PRO A 429 25.74 -18.41 0.04
C PRO A 429 25.08 -18.65 1.39
N PRO A 430 25.49 -17.93 2.44
CA PRO A 430 24.75 -18.04 3.70
C PRO A 430 23.38 -17.38 3.61
N ARG A 431 22.34 -18.19 3.41
CA ARG A 431 20.99 -17.68 3.20
C ARG A 431 20.46 -16.97 4.45
N PRO A 437 20.56 -12.51 -1.17
CA PRO A 437 21.38 -13.52 -1.88
C PRO A 437 22.36 -12.91 -2.89
N LEU A 438 23.65 -13.10 -2.62
CA LEU A 438 24.73 -12.66 -3.50
C LEU A 438 24.86 -11.14 -3.58
N VAL A 439 23.79 -10.47 -3.99
CA VAL A 439 23.82 -9.04 -4.28
C VAL A 439 22.86 -8.32 -3.36
N GLN A 440 23.25 -7.16 -2.92
CA GLN A 440 22.45 -6.30 -2.09
C GLN A 440 22.18 -4.97 -2.77
N THR A 441 22.62 -4.80 -4.01
CA THR A 441 22.31 -3.58 -4.73
C THR A 441 22.24 -3.88 -6.22
N MSE A 442 21.64 -2.97 -6.94
N MSE A 442 21.57 -3.00 -6.93
CA MSE A 442 21.39 -3.18 -8.36
CA MSE A 442 21.39 -3.17 -8.36
C MSE A 442 21.56 -1.90 -9.14
C MSE A 442 21.63 -1.89 -9.13
O MSE A 442 21.26 -0.82 -8.63
O MSE A 442 21.47 -0.81 -8.58
CB MSE A 442 20.00 -3.74 -8.56
CB MSE A 442 19.99 -3.66 -8.69
CG MSE A 442 19.26 -3.12 -9.74
CG MSE A 442 19.75 -5.10 -8.40
SE MSE A 442 17.54 -4.03 -9.75
SE MSE A 442 17.94 -5.55 -8.93
CE MSE A 442 18.16 -5.91 -9.86
CE MSE A 442 18.16 -5.93 -10.79
H MSE A 442 21.35 -2.21 -6.65
H MSE A 442 21.19 -2.29 -6.62
HA MSE A 442 22.04 -3.83 -8.69
HA MSE A 442 22.04 -3.84 -8.64
HB2 MSE A 442 20.07 -4.69 -8.72
HB2 MSE A 442 19.37 -3.15 -8.15
HB3 MSE A 442 19.48 -3.56 -7.76
HB3 MSE A 442 19.83 -3.51 -9.63
HG2 MSE A 442 19.13 -2.17 -9.61
HG2 MSE A 442 20.37 -5.64 -8.92
HG3 MSE A 442 19.72 -3.29 -10.57
HG3 MSE A 442 19.86 -5.28 -7.46
HE1 MSE A 442 17.39 -6.48 -9.94
HE1 MSE A 442 17.33 -6.26 -11.15
HE2 MSE A 442 18.74 -6.01 -10.62
HE2 MSE A 442 18.43 -5.13 -11.25
HE3 MSE A 442 18.65 -6.13 -9.05
HE3 MSE A 442 18.85 -6.62 -10.88
N LEU A 443 21.99 -2.04 -10.40
CA LEU A 443 22.05 -0.93 -11.33
C LEU A 443 21.30 -1.33 -12.57
N VAL A 444 20.46 -0.41 -13.07
CA VAL A 444 19.61 -0.65 -14.22
C VAL A 444 19.83 0.49 -15.19
N LEU A 445 19.88 0.16 -16.49
CA LEU A 445 19.86 1.17 -17.55
C LEU A 445 18.76 0.83 -18.54
N THR A 446 17.83 1.76 -18.75
CA THR A 446 16.75 1.59 -19.72
C THR A 446 16.96 2.61 -20.83
N GLN A 447 16.56 2.23 -22.03
CA GLN A 447 16.45 3.16 -23.13
C GLN A 447 15.12 3.90 -22.98
N GLY A 448 15.20 5.22 -22.81
CA GLY A 448 14.03 6.05 -22.60
C GLY A 448 13.02 5.96 -23.71
N ASP A 449 13.44 5.48 -24.90
CA ASP A 449 12.50 5.30 -25.99
C ASP A 449 11.52 4.18 -25.70
N ALA A 450 11.86 3.26 -24.81
CA ALA A 450 10.88 2.23 -24.43
C ALA A 450 9.77 2.80 -23.56
N GLY A 451 9.99 3.95 -22.92
CA GLY A 451 8.97 4.65 -22.18
C GLY A 451 8.25 5.70 -22.99
N ARG A 452 8.44 5.70 -24.30
CA ARG A 452 7.81 6.66 -25.20
C ARG A 452 6.98 5.90 -26.21
N ILE A 453 5.70 6.25 -26.32
CA ILE A 453 4.76 5.57 -27.20
C ILE A 453 4.09 6.64 -28.05
N SER A 454 4.10 6.43 -29.36
CA SER A 454 3.39 7.30 -30.25
C SER A 454 1.96 6.83 -30.41
N HIS A 455 1.02 7.77 -30.35
CA HIS A 455 -0.38 7.46 -30.59
C HIS A 455 -1.05 8.65 -31.24
N ASP A 456 -1.65 8.45 -32.42
CA ASP A 456 -2.37 9.50 -33.14
C ASP A 456 -1.51 10.75 -33.29
N ASP A 457 -0.26 10.54 -33.69
CA ASP A 457 0.70 11.60 -33.98
C ASP A 457 1.21 12.32 -32.74
N THR A 458 0.80 11.90 -31.55
CA THR A 458 1.31 12.44 -30.31
C THR A 458 2.23 11.42 -29.64
N GLU A 459 3.14 11.91 -28.83
CA GLU A 459 3.96 11.05 -28.00
C GLU A 459 3.42 10.97 -26.57
N LEU A 460 3.28 9.75 -26.07
CA LEU A 460 2.87 9.48 -24.70
C LEU A 460 4.05 8.90 -23.91
N ARG A 461 4.06 9.17 -22.61
CA ARG A 461 5.15 8.79 -21.72
C ARG A 461 4.67 7.80 -20.67
N ILE A 462 5.45 6.75 -20.47
CA ILE A 462 5.20 5.80 -19.41
C ILE A 462 5.83 6.31 -18.13
N GLU A 463 5.02 6.50 -17.09
CA GLU A 463 5.48 6.96 -15.81
C GLU A 463 5.33 5.85 -14.78
N ARG A 464 6.31 5.73 -13.89
CA ARG A 464 6.27 4.73 -12.85
C ARG A 464 5.79 5.35 -11.56
N GLY A 465 5.10 4.55 -10.74
CA GLY A 465 4.85 4.92 -9.36
C GLY A 465 6.16 4.89 -8.58
N ALA A 466 6.12 5.41 -7.35
CA ALA A 466 7.32 5.51 -6.53
C ALA A 466 7.37 4.51 -5.37
N ALA A 467 6.31 3.76 -5.14
CA ALA A 467 6.23 2.85 -4.01
C ALA A 467 6.71 1.46 -4.40
N HIS A 468 7.46 0.82 -3.49
CA HIS A 468 8.01 -0.49 -3.78
C HIS A 468 8.45 -1.13 -2.46
N GLY A 469 8.77 -2.42 -2.53
CA GLY A 469 9.12 -3.21 -1.37
C GLY A 469 10.57 -3.19 -0.97
N ALA A 470 11.41 -2.43 -1.67
CA ALA A 470 12.84 -2.31 -1.34
C ALA A 470 13.49 -3.68 -1.21
N LYS A 471 13.47 -4.42 -2.31
CA LYS A 471 14.13 -5.72 -2.33
C LYS A 471 15.63 -5.61 -2.07
N TYR A 472 16.25 -4.52 -2.48
CA TYR A 472 17.66 -4.28 -2.24
C TYR A 472 17.85 -3.09 -1.32
N ASP A 473 19.05 -2.98 -0.75
CA ASP A 473 19.37 -1.82 0.06
C ASP A 473 19.18 -0.54 -0.75
N LEU A 474 19.63 -0.55 -1.99
CA LEU A 474 19.40 0.58 -2.87
C LEU A 474 19.66 0.09 -4.28
N SER A 475 18.98 0.71 -5.21
CA SER A 475 19.06 0.37 -6.62
C SER A 475 19.23 1.67 -7.36
N LEU A 476 20.24 1.74 -8.23
CA LEU A 476 20.40 2.90 -9.09
C LEU A 476 19.71 2.61 -10.42
N VAL A 477 18.81 3.50 -10.82
CA VAL A 477 17.98 3.29 -11.99
C VAL A 477 18.23 4.46 -12.94
N PHE A 478 18.88 4.16 -14.05
CA PHE A 478 19.24 5.16 -15.04
C PHE A 478 18.41 4.94 -16.30
N GLU A 479 18.10 6.04 -16.98
CA GLU A 479 17.36 6.04 -18.21
C GLU A 479 18.04 7.03 -19.14
N ARG A 480 18.30 6.61 -20.37
CA ARG A 480 18.96 7.47 -21.33
C ARG A 480 18.21 7.42 -22.66
N ASP A 481 17.99 8.59 -23.24
CA ASP A 481 17.51 8.71 -24.62
C ASP A 481 18.29 9.85 -25.29
N SER A 482 17.86 10.22 -26.49
CA SER A 482 18.44 11.38 -27.17
C SER A 482 18.30 12.67 -26.34
N GLU A 483 17.25 12.79 -25.52
CA GLU A 483 17.03 13.99 -24.71
C GLU A 483 17.92 14.04 -23.47
N GLY A 484 18.68 12.98 -23.19
CA GLY A 484 19.69 13.02 -22.16
C GLY A 484 19.62 11.85 -21.21
N LEU A 485 20.60 11.80 -20.31
CA LEU A 485 20.74 10.73 -19.34
C LEU A 485 20.26 11.24 -17.99
N HIS A 486 19.55 10.40 -17.25
CA HIS A 486 19.11 10.78 -15.92
C HIS A 486 18.91 9.52 -15.08
N GLY A 487 18.81 9.72 -13.78
CA GLY A 487 18.76 8.58 -12.89
C GLY A 487 18.01 8.89 -11.61
N LEU A 488 17.65 7.82 -10.92
CA LEU A 488 17.02 7.97 -9.62
C LEU A 488 17.50 6.85 -8.73
N ILE A 489 17.30 7.04 -7.43
CA ILE A 489 17.68 6.06 -6.43
C ILE A 489 16.42 5.48 -5.80
N GLU A 490 16.34 4.16 -5.77
CA GLU A 490 15.35 3.42 -5.00
C GLU A 490 16.05 2.90 -3.77
N TYR A 491 15.46 3.10 -2.58
CA TYR A 491 16.19 2.78 -1.38
C TYR A 491 15.29 2.13 -0.34
N ASP A 492 15.93 1.36 0.53
CA ASP A 492 15.23 0.69 1.63
C ASP A 492 15.07 1.67 2.79
N ALA A 493 13.83 2.08 3.07
CA ALA A 493 13.62 2.99 4.20
C ALA A 493 13.76 2.30 5.55
N ASP A 494 13.86 0.97 5.60
CA ASP A 494 14.24 0.32 6.85
C ASP A 494 15.66 0.70 7.29
N LEU A 495 16.51 1.10 6.35
CA LEU A 495 17.90 1.41 6.62
C LEU A 495 18.21 2.89 6.54
N PHE A 496 17.53 3.65 5.69
CA PHE A 496 17.95 5.00 5.36
C PHE A 496 16.84 6.01 5.58
N ASP A 497 17.21 7.13 6.19
CA ASP A 497 16.44 8.36 6.11
C ASP A 497 16.78 9.10 4.83
N GLU A 498 15.80 9.85 4.34
CA GLU A 498 15.94 10.46 3.03
C GLU A 498 17.14 11.39 2.90
N PRO A 499 17.54 12.17 3.91
CA PRO A 499 18.73 13.04 3.76
C PRO A 499 20.03 12.28 3.57
N THR A 500 20.19 11.12 4.23
CA THR A 500 21.31 10.25 3.93
C THR A 500 21.33 9.88 2.45
N VAL A 501 20.16 9.59 1.86
CA VAL A 501 20.11 9.16 0.48
C VAL A 501 20.41 10.33 -0.43
N ARG A 502 19.92 11.51 -0.08
CA ARG A 502 20.23 12.71 -0.86
C ARG A 502 21.73 13.00 -0.84
N ALA A 503 22.39 12.83 0.32
CA ALA A 503 23.84 12.98 0.39
C ALA A 503 24.57 11.97 -0.47
N MSE A 504 24.12 10.71 -0.45
CA MSE A 504 24.71 9.68 -1.31
C MSE A 504 24.54 10.02 -2.79
O MSE A 504 25.50 9.91 -3.61
CB MSE A 504 24.09 8.31 -1.06
CG MSE A 504 24.72 7.56 0.10
SE MSE A 504 24.00 5.75 0.35
CE MSE A 504 22.12 6.29 0.84
H MSE A 504 23.48 10.42 0.06
HA MSE A 504 25.65 9.63 -1.08
HB2 MSE A 504 23.14 8.43 -0.86
HB3 MSE A 504 24.19 7.77 -1.86
HG2 MSE A 504 25.67 7.48 -0.06
HG3 MSE A 504 24.55 8.06 0.91
HE1 MSE A 504 21.71 6.73 0.09
HE2 MSE A 504 21.62 5.49 1.09
HE3 MSE A 504 22.15 6.89 1.61
N GLY A 505 23.32 10.42 -3.14
CA GLY A 505 23.08 10.86 -4.51
C GLY A 505 23.98 12.02 -4.91
N ASP A 506 24.15 12.98 -4.00
CA ASP A 506 25.01 14.13 -4.23
C ASP A 506 26.45 13.72 -4.52
N ARG A 507 27.00 12.78 -3.72
CA ARG A 507 28.36 12.30 -3.99
C ARG A 507 28.43 11.52 -5.29
N LEU A 508 27.41 10.72 -5.60
CA LEU A 508 27.51 9.91 -6.81
C LEU A 508 27.51 10.79 -8.05
N ARG A 509 26.64 11.80 -8.10
CA ARG A 509 26.63 12.60 -9.31
C ARG A 509 27.88 13.45 -9.44
N HIS A 510 28.46 13.85 -8.30
CA HIS A 510 29.74 14.56 -8.32
C HIS A 510 30.84 13.66 -8.87
N LEU A 511 30.90 12.42 -8.39
CA LEU A 511 31.86 11.46 -8.89
C LEU A 511 31.75 11.28 -10.39
N MSE A 512 30.52 11.20 -10.89
CA MSE A 512 30.33 10.92 -12.32
C MSE A 512 30.78 12.10 -13.16
O MSE A 512 31.21 11.93 -14.28
CB MSE A 512 28.86 10.62 -12.64
CG MSE A 512 28.33 9.29 -12.09
SE MSE A 512 26.35 9.19 -12.22
CE MSE A 512 26.24 9.09 -14.14
H MSE A 512 29.80 11.30 -10.44
HA MSE A 512 30.84 10.12 -12.54
HB2 MSE A 512 28.31 11.33 -12.27
HB3 MSE A 512 28.75 10.60 -13.60
HG2 MSE A 512 28.71 8.56 -12.59
HG3 MSE A 512 28.59 9.21 -11.14
HE1 MSE A 512 25.31 9.01 -14.40
HE2 MSE A 512 26.63 9.89 -14.52
HE3 MSE A 512 26.73 8.31 -14.44
N GLU A 513 30.61 13.30 -12.60
CA GLU A 513 31.13 14.49 -13.25
C GLU A 513 32.65 14.47 -13.33
N GLN A 514 33.31 14.05 -12.25
CA GLN A 514 34.75 13.96 -12.27
C GLN A 514 35.24 12.86 -13.18
N PHE A 515 34.50 11.74 -13.26
CA PHE A 515 34.87 10.68 -14.20
C PHE A 515 35.07 11.23 -15.61
N ALA A 516 34.09 12.02 -16.10
CA ALA A 516 34.19 12.53 -17.47
C ALA A 516 35.30 13.57 -17.58
N ARG A 517 35.49 14.37 -16.55
CA ARG A 517 36.48 15.44 -16.60
C ARG A 517 37.93 14.92 -16.55
N ARG A 518 38.17 13.76 -15.95
CA ARG A 518 39.55 13.31 -15.70
C ARG A 518 39.67 11.81 -15.90
N PRO A 519 39.47 11.32 -17.13
CA PRO A 519 39.66 9.88 -17.39
C PRO A 519 41.05 9.37 -17.02
N ASP A 520 42.08 10.22 -17.03
CA ASP A 520 43.45 9.80 -16.73
C ASP A 520 43.77 9.83 -15.25
N ALA A 521 42.93 10.41 -14.45
CA ALA A 521 43.30 10.65 -13.07
C ALA A 521 43.20 9.36 -12.25
N PRO A 522 44.12 9.16 -11.33
CA PRO A 522 43.91 8.16 -10.29
C PRO A 522 42.73 8.57 -9.42
N LEU A 523 42.00 7.56 -8.93
CA LEU A 523 40.77 7.84 -8.19
C LEU A 523 41.05 8.67 -6.95
N HIS A 524 42.22 8.54 -6.32
CA HIS A 524 42.42 9.27 -5.09
C HIS A 524 42.56 10.78 -5.32
N GLU A 525 42.85 11.17 -6.54
CA GLU A 525 42.92 12.57 -6.93
C GLU A 525 41.57 13.13 -7.34
N LEU A 526 40.52 12.33 -7.24
CA LEU A 526 39.15 12.82 -7.41
C LEU A 526 38.61 13.13 -6.01
N GLU A 527 38.57 14.42 -5.67
CA GLU A 527 38.23 14.81 -4.30
C GLU A 527 36.72 14.80 -4.06
N ALA A 528 36.36 14.50 -2.81
CA ALA A 528 34.96 14.28 -2.43
C ALA A 528 34.13 15.57 -2.53
N LEU A 529 32.81 15.40 -2.32
CA LEU A 529 31.78 16.44 -2.08
C LEU A 529 30.73 16.49 -3.20
N ILE B 84 -22.10 0.24 37.22
CA ILE B 84 -20.95 0.07 36.32
C ILE B 84 -19.61 0.34 37.07
N PRO B 85 -18.85 -0.70 37.38
CA PRO B 85 -17.67 -0.52 38.24
C PRO B 85 -16.66 0.43 37.60
N GLU B 86 -15.89 1.07 38.47
CA GLU B 86 -14.84 1.97 38.02
C GLU B 86 -13.62 1.15 37.61
N LEU B 87 -12.91 1.66 36.62
CA LEU B 87 -11.64 1.06 36.23
C LEU B 87 -10.56 1.52 37.20
N ARG B 88 -9.85 0.57 37.82
CA ARG B 88 -8.76 0.88 38.73
C ARG B 88 -7.42 0.31 38.23
N ALA B 89 -6.37 1.12 38.36
CA ALA B 89 -5.03 0.65 38.09
C ALA B 89 -4.66 -0.52 39.00
N GLY B 90 -3.88 -1.44 38.45
CA GLY B 90 -3.52 -2.61 39.20
C GLY B 90 -4.54 -3.73 39.17
N LEU B 91 -5.68 -3.54 38.51
CA LEU B 91 -6.62 -4.64 38.38
C LEU B 91 -5.93 -5.86 37.78
N ALA B 92 -5.15 -5.64 36.74
CA ALA B 92 -4.42 -6.79 36.23
C ALA B 92 -3.09 -6.91 36.95
N PRO B 93 -2.65 -8.15 37.25
CA PRO B 93 -1.39 -8.33 38.00
C PRO B 93 -0.23 -7.54 37.42
N ARG B 94 0.36 -6.65 38.23
CA ARG B 94 1.56 -5.93 37.87
C ARG B 94 2.80 -6.74 38.23
N ASP B 95 2.67 -8.08 38.24
CA ASP B 95 3.76 -8.96 38.63
C ASP B 95 4.58 -9.44 37.43
N GLY B 96 4.04 -9.37 36.22
CA GLY B 96 4.69 -9.91 35.04
C GLY B 96 3.89 -10.99 34.35
N ARG B 97 2.85 -11.52 34.98
CA ARG B 97 1.95 -12.49 34.35
C ARG B 97 1.21 -11.81 33.21
N ALA B 98 1.15 -12.49 32.06
CA ALA B 98 0.63 -11.89 30.83
C ALA B 98 -0.89 -11.91 30.82
N VAL B 99 -1.48 -10.75 30.66
CA VAL B 99 -2.92 -10.59 30.68
C VAL B 99 -3.54 -11.13 29.40
N GLU B 100 -4.70 -11.76 29.51
CA GLU B 100 -5.41 -12.16 28.32
C GLU B 100 -5.84 -10.94 27.54
N ALA B 101 -5.80 -11.07 26.21
CA ALA B 101 -6.28 -10.01 25.33
C ALA B 101 -7.74 -9.69 25.64
N SER B 102 -8.11 -8.44 25.35
CA SER B 102 -9.49 -8.01 25.50
C SER B 102 -10.37 -8.68 24.46
N PHE B 103 -11.69 -8.57 24.66
CA PHE B 103 -12.63 -9.16 23.69
C PHE B 103 -12.36 -8.62 22.28
N GLY B 104 -12.17 -7.31 22.15
CA GLY B 104 -11.93 -6.73 20.84
C GLY B 104 -10.63 -7.20 20.22
N GLN B 105 -9.53 -7.19 21.00
CA GLN B 105 -8.25 -7.66 20.49
C GLN B 105 -8.35 -9.09 19.96
N SER B 106 -9.17 -9.92 20.59
CA SER B 106 -9.27 -11.32 20.20
C SER B 106 -9.93 -11.46 18.85
N GLY B 107 -11.05 -10.77 18.63
CA GLY B 107 -11.68 -10.77 17.33
C GLY B 107 -10.75 -10.25 16.24
N ILE B 108 -10.00 -9.19 16.55
CA ILE B 108 -9.10 -8.59 15.58
C ILE B 108 -7.96 -9.53 15.25
N TRP B 109 -7.44 -10.22 16.25
CA TRP B 109 -6.29 -11.09 16.03
C TRP B 109 -6.67 -12.30 15.19
N LEU B 110 -7.89 -12.80 15.38
CA LEU B 110 -8.34 -13.98 14.66
C LEU B 110 -8.39 -13.72 13.16
N ILE B 111 -8.92 -12.58 12.77
CA ILE B 111 -9.02 -12.26 11.35
C ILE B 111 -7.69 -11.83 10.76
N ASP B 112 -6.72 -11.43 11.56
CA ASP B 112 -5.58 -10.71 10.99
C ASP B 112 -4.80 -11.61 10.05
N GLN B 113 -4.77 -11.22 8.78
CA GLN B 113 -3.84 -11.79 7.82
C GLN B 113 -2.69 -10.80 7.70
N TYR B 114 -2.47 -10.26 6.52
CA TYR B 114 -1.58 -9.12 6.37
C TYR B 114 -2.26 -8.10 5.47
N LEU B 115 -3.48 -7.73 5.87
CA LEU B 115 -4.37 -6.88 5.09
C LEU B 115 -4.13 -5.42 5.46
N PRO B 116 -4.59 -4.51 4.61
CA PRO B 116 -4.54 -3.08 4.99
C PRO B 116 -5.38 -2.80 6.23
N ASN B 117 -5.23 -1.59 6.74
CA ASN B 117 -6.14 -1.14 7.78
C ASN B 117 -7.58 -1.26 7.25
N PRO B 118 -8.51 -1.81 8.06
CA PRO B 118 -9.88 -2.06 7.54
C PRO B 118 -10.63 -0.81 7.15
N ALA B 119 -10.31 0.33 7.73
CA ALA B 119 -11.06 1.57 7.54
C ALA B 119 -10.12 2.76 7.70
N ALA B 120 -10.54 3.89 7.18
CA ALA B 120 -9.69 5.07 7.15
C ALA B 120 -9.90 5.96 8.36
N TYR B 121 -11.18 6.11 8.79
CA TYR B 121 -11.56 6.99 9.90
C TYR B 121 -10.78 6.66 11.17
N ASN B 122 -10.43 5.40 11.37
CA ASN B 122 -9.66 4.98 12.53
C ASN B 122 -8.26 4.50 12.17
N GLY B 123 -7.74 4.90 10.99
CA GLY B 123 -6.50 4.35 10.52
C GLY B 123 -5.37 5.35 10.58
N PRO B 124 -4.37 5.19 9.71
CA PRO B 124 -3.18 6.07 9.74
C PRO B 124 -3.53 7.54 9.62
N PHE B 125 -2.78 8.36 10.36
CA PHE B 125 -3.09 9.76 10.54
C PHE B 125 -1.79 10.57 10.60
N PHE B 126 -1.96 11.89 10.49
CA PHE B 126 -0.86 12.82 10.56
C PHE B 126 -1.36 14.18 11.04
N VAL B 127 -0.42 15.00 11.51
CA VAL B 127 -0.72 16.35 11.97
C VAL B 127 0.37 17.28 11.49
N ARG B 128 -0.03 18.37 10.87
CA ARG B 128 0.88 19.43 10.47
C ARG B 128 1.27 20.28 11.68
N LEU B 129 2.55 20.42 11.94
CA LEU B 129 3.10 21.17 13.06
C LEU B 129 3.49 22.59 12.63
N PRO B 130 3.32 23.57 13.51
CA PRO B 130 3.65 24.96 13.14
C PRO B 130 5.09 25.32 13.44
N PHE B 131 5.93 24.30 13.63
CA PHE B 131 7.37 24.44 13.74
C PHE B 131 8.02 23.32 12.94
N SER B 132 9.37 23.33 12.92
CA SER B 132 10.15 22.28 12.29
C SER B 132 10.71 21.38 13.40
N ALA B 133 10.16 20.20 13.55
CA ALA B 133 10.54 19.33 14.66
C ALA B 133 11.97 18.83 14.47
N ASP B 134 12.65 18.66 15.60
CA ASP B 134 13.99 18.08 15.58
C ASP B 134 13.89 16.56 15.54
N PRO B 135 14.34 15.91 14.45
CA PRO B 135 14.11 14.45 14.31
C PRO B 135 14.58 13.62 15.50
N ASP B 136 15.73 13.96 16.11
CA ASP B 136 16.26 13.11 17.17
C ASP B 136 15.42 13.25 18.43
N ARG B 137 15.01 14.48 18.74
CA ARG B 137 14.16 14.69 19.90
C ARG B 137 12.75 14.15 19.65
N LEU B 138 12.25 14.25 18.41
CA LEU B 138 10.96 13.66 18.12
C LEU B 138 11.01 12.15 18.29
N HIS B 139 12.10 11.52 17.86
CA HIS B 139 12.24 10.09 18.06
C HIS B 139 12.31 9.79 19.57
N ALA B 140 13.08 10.59 20.31
CA ALA B 140 13.12 10.45 21.75
C ALA B 140 11.75 10.67 22.41
N ALA B 141 11.02 11.69 21.96
CA ALA B 141 9.61 11.82 22.38
C ALA B 141 8.79 10.56 22.12
N VAL B 142 8.95 9.93 20.95
CA VAL B 142 8.18 8.73 20.63
C VAL B 142 8.51 7.62 21.63
N ARG B 143 9.79 7.43 21.94
CA ARG B 143 10.16 6.44 22.96
C ARG B 143 9.51 6.74 24.31
N GLY B 144 9.34 8.03 24.64
CA GLY B 144 8.64 8.38 25.85
C GLY B 144 7.19 7.95 25.81
N VAL B 145 6.51 8.17 24.67
CA VAL B 145 5.12 7.74 24.54
C VAL B 145 5.02 6.23 24.71
N LEU B 146 5.96 5.48 24.12
CA LEU B 146 5.92 4.04 24.30
C LEU B 146 6.05 3.67 25.77
N ARG B 147 6.89 4.40 26.51
CA ARG B 147 7.04 4.10 27.93
C ARG B 147 5.71 4.31 28.67
N ARG B 148 5.03 5.43 28.39
CA ARG B 148 3.77 5.78 29.04
C ARG B 148 2.54 5.07 28.47
N GLN B 149 2.66 4.32 27.38
CA GLN B 149 1.51 3.75 26.68
C GLN B 149 1.78 2.30 26.35
N GLU B 150 1.40 1.44 27.29
CA GLU B 150 1.86 0.06 27.33
C GLU B 150 1.40 -0.75 26.14
N VAL B 151 0.27 -0.39 25.53
CA VAL B 151 -0.21 -1.18 24.40
C VAL B 151 0.75 -1.06 23.22
N LEU B 152 1.45 0.09 23.06
CA LEU B 152 2.45 0.26 22.00
C LEU B 152 3.65 -0.64 22.18
N ARG B 153 3.79 -1.30 23.33
CA ARG B 153 4.90 -2.22 23.55
C ARG B 153 4.41 -3.65 23.71
N THR B 154 3.22 -3.95 23.18
CA THR B 154 2.54 -5.24 23.36
C THR B 154 2.55 -6.02 22.05
N THR B 155 2.84 -7.31 22.14
CA THR B 155 2.71 -8.29 21.07
C THR B 155 1.81 -9.40 21.58
N TYR B 156 1.39 -10.26 20.67
CA TYR B 156 0.31 -11.21 20.87
C TYR B 156 0.76 -12.60 20.50
N ALA B 157 0.26 -13.58 21.26
CA ALA B 157 0.65 -14.96 21.06
C ALA B 157 -0.25 -15.85 21.90
N LEU B 158 -0.67 -16.97 21.31
CA LEU B 158 -1.41 -17.98 22.05
C LEU B 158 -0.54 -18.70 23.08
N SER B 159 -1.13 -18.98 24.24
CA SER B 159 -0.46 -19.77 25.28
C SER B 159 -1.55 -20.62 25.93
N ASP B 160 -1.70 -21.86 25.44
CA ASP B 160 -2.66 -22.81 25.99
C ASP B 160 -4.10 -22.39 25.66
N GLY B 161 -4.36 -22.16 24.38
CA GLY B 161 -5.68 -21.83 23.90
C GLY B 161 -6.17 -20.45 24.29
N THR B 162 -5.30 -19.60 24.84
CA THR B 162 -5.66 -18.26 25.28
C THR B 162 -4.71 -17.25 24.65
N LEU B 163 -5.30 -16.21 24.05
CA LEU B 163 -4.51 -15.15 23.45
C LEU B 163 -4.03 -14.21 24.54
N ARG B 164 -2.73 -13.92 24.54
CA ARG B 164 -2.10 -13.15 25.60
C ARG B 164 -1.44 -11.87 25.06
N GLN B 165 -1.48 -10.85 25.90
CA GLN B 165 -0.79 -9.58 25.67
C GLN B 165 0.60 -9.62 26.33
N ASN B 166 1.64 -9.80 25.54
CA ASN B 166 3.02 -9.82 26.03
C ASN B 166 3.63 -8.43 25.93
N VAL B 167 3.86 -7.84 27.06
CA VAL B 167 4.43 -6.52 27.19
C VAL B 167 5.94 -6.66 27.26
N SER B 168 6.63 -5.74 26.59
CA SER B 168 8.07 -5.70 26.50
C SER B 168 8.52 -4.40 27.15
N ARG B 169 9.80 -4.32 27.53
CA ARG B 169 10.33 -3.07 28.04
C ARG B 169 11.02 -2.22 26.95
N ASP B 170 11.11 -2.72 25.70
N ASP B 170 11.09 -2.72 25.72
CA ASP B 170 11.79 -2.01 24.59
CA ASP B 170 11.73 -2.03 24.61
C ASP B 170 10.94 -0.80 24.17
C ASP B 170 10.91 -0.80 24.21
N ASP B 171 11.32 0.38 24.65
CA ASP B 171 10.64 1.61 24.24
C ASP B 171 11.03 2.12 22.85
N ASP B 172 11.79 1.36 22.06
CA ASP B 172 12.21 1.71 20.71
C ASP B 172 11.56 0.82 19.66
N ALA B 173 10.52 0.06 20.01
CA ALA B 173 9.81 -0.79 19.04
C ALA B 173 8.85 0.06 18.20
N VAL B 174 9.45 0.81 17.28
CA VAL B 174 8.69 1.67 16.38
C VAL B 174 9.36 1.69 15.00
N VAL B 175 8.53 1.58 13.97
CA VAL B 175 8.98 1.70 12.58
C VAL B 175 9.14 3.19 12.30
N PHE B 176 10.39 3.67 12.28
CA PHE B 176 10.68 5.10 12.25
C PHE B 176 11.44 5.47 10.99
N GLU B 177 11.22 6.70 10.53
CA GLU B 177 12.05 7.27 9.47
C GLU B 177 11.91 8.78 9.52
N VAL B 178 12.93 9.45 8.94
CA VAL B 178 12.95 10.89 8.69
C VAL B 178 12.95 11.09 7.19
N ALA B 179 12.00 11.92 6.70
CA ALA B 179 11.88 12.16 5.26
C ALA B 179 11.38 13.58 5.04
N ARG B 180 11.37 14.01 3.77
CA ARG B 180 11.11 15.39 3.42
C ARG B 180 9.92 15.51 2.47
N TYR B 181 9.30 16.69 2.48
CA TYR B 181 8.24 17.03 1.55
C TYR B 181 8.31 18.53 1.30
N GLY B 182 7.89 18.93 0.09
CA GLY B 182 7.86 20.33 -0.26
C GLY B 182 6.48 20.85 -0.59
N ASP B 183 5.50 19.94 -0.69
CA ASP B 183 4.14 20.33 -0.94
C ASP B 183 3.21 19.22 -0.45
N ASP B 184 1.90 19.41 -0.67
CA ASP B 184 0.91 18.48 -0.16
C ASP B 184 1.03 17.13 -0.86
N LYS B 185 1.39 17.14 -2.15
CA LYS B 185 1.52 15.88 -2.87
C LYS B 185 2.65 15.03 -2.30
N GLU B 186 3.81 15.65 -2.03
CA GLU B 186 4.92 14.90 -1.49
C GLU B 186 4.62 14.40 -0.08
N LEU B 187 3.93 15.21 0.72
CA LEU B 187 3.49 14.76 2.04
C LEU B 187 2.54 13.57 1.94
N ASP B 188 1.58 13.63 1.02
CA ASP B 188 0.68 12.49 0.87
C ASP B 188 1.45 11.25 0.43
N ALA B 189 2.56 11.43 -0.28
CA ALA B 189 3.39 10.27 -0.63
C ALA B 189 4.00 9.63 0.61
N LEU B 190 4.48 10.45 1.55
CA LEU B 190 5.01 9.92 2.82
C LEU B 190 3.89 9.27 3.65
N VAL B 191 2.70 9.87 3.68
CA VAL B 191 1.54 9.27 4.37
C VAL B 191 1.22 7.89 3.80
N HIS B 192 1.23 7.76 2.45
CA HIS B 192 0.90 6.47 1.82
C HIS B 192 1.89 5.40 2.23
N ARG B 193 3.16 5.74 2.32
CA ARG B 193 4.14 4.72 2.69
C ARG B 193 3.88 4.23 4.11
N VAL B 194 3.63 5.16 5.04
CA VAL B 194 3.29 4.77 6.41
C VAL B 194 2.01 3.97 6.43
N ALA B 195 1.01 4.42 5.66
CA ALA B 195 -0.32 3.82 5.73
C ALA B 195 -0.35 2.40 5.18
N ASN B 196 0.57 2.04 4.30
N ASN B 196 0.58 2.04 4.31
CA ASN B 196 0.53 0.73 3.68
CA ASN B 196 0.54 0.73 3.70
C ASN B 196 1.45 -0.29 4.36
C ASN B 196 1.40 -0.31 4.42
N LEU B 197 2.02 0.05 5.52
CA LEU B 197 2.81 -0.93 6.27
C LEU B 197 1.88 -2.05 6.74
N ARG B 198 2.40 -3.26 6.87
CA ARG B 198 1.63 -4.43 7.28
C ARG B 198 2.38 -4.94 8.51
N LEU B 199 1.97 -4.46 9.69
CA LEU B 199 2.74 -4.68 10.91
C LEU B 199 2.51 -6.07 11.46
N ASP B 200 3.57 -6.66 12.01
CA ASP B 200 3.55 -8.02 12.55
C ASP B 200 3.01 -7.99 13.99
N LEU B 201 1.94 -8.74 14.25
CA LEU B 201 1.34 -8.75 15.58
C LEU B 201 2.08 -9.64 16.56
N ALA B 202 2.79 -10.66 16.07
CA ALA B 202 3.56 -11.55 16.94
C ALA B 202 4.90 -10.94 17.34
N ARG B 203 5.55 -10.21 16.43
CA ARG B 203 6.87 -9.68 16.70
C ARG B 203 6.90 -8.17 16.89
N GLY B 204 5.92 -7.44 16.35
CA GLY B 204 5.96 -6.00 16.35
C GLY B 204 7.00 -5.48 15.38
N PRO B 205 7.18 -4.16 15.29
CA PRO B 205 6.42 -3.12 16.01
C PRO B 205 4.95 -3.03 15.63
N VAL B 206 4.12 -2.53 16.54
CA VAL B 206 2.71 -2.25 16.26
C VAL B 206 2.48 -0.77 15.98
N ILE B 207 3.57 0.02 15.90
CA ILE B 207 3.45 1.44 15.58
C ILE B 207 4.55 1.86 14.61
N ALA B 208 4.19 2.72 13.67
CA ALA B 208 5.11 3.40 12.78
C ALA B 208 4.94 4.90 12.93
N VAL B 209 6.06 5.60 12.88
CA VAL B 209 6.07 7.05 12.96
C VAL B 209 7.10 7.57 11.97
N THR B 210 6.70 8.59 11.23
CA THR B 210 7.60 9.33 10.37
C THR B 210 7.68 10.77 10.80
N CYS B 211 8.91 11.25 11.02
CA CYS B 211 9.17 12.66 11.21
C CYS B 211 9.37 13.31 9.84
N ALA B 212 8.37 14.05 9.40
CA ALA B 212 8.41 14.60 8.05
C ALA B 212 8.83 16.06 8.11
N LEU B 213 9.93 16.39 7.45
CA LEU B 213 10.47 17.74 7.45
C LEU B 213 9.95 18.46 6.22
N GLY B 214 9.22 19.55 6.45
CA GLY B 214 8.64 20.32 5.38
C GLY B 214 9.44 21.56 5.02
N PRO B 215 8.88 22.42 4.19
CA PRO B 215 9.53 23.71 3.91
C PRO B 215 9.41 24.64 5.09
N ALA B 216 10.19 25.71 5.03
CA ALA B 216 10.10 26.80 6.01
C ALA B 216 10.36 26.21 7.39
N ASN B 217 9.61 26.62 8.40
CA ASN B 217 9.68 26.06 9.75
C ASN B 217 8.47 25.16 10.00
N ARG B 218 8.17 24.28 9.04
CA ARG B 218 7.01 23.43 9.11
C ARG B 218 7.42 21.97 9.02
N SER B 219 6.62 21.11 9.63
CA SER B 219 6.88 19.68 9.64
C SER B 219 5.58 18.95 9.90
N ALA B 220 5.65 17.64 9.95
CA ALA B 220 4.47 16.84 10.16
C ALA B 220 4.90 15.56 10.82
N VAL B 221 4.05 15.04 11.70
CA VAL B 221 4.17 13.71 12.28
C VAL B 221 3.13 12.81 11.60
N ILE B 222 3.58 11.67 11.10
CA ILE B 222 2.77 10.67 10.43
C ILE B 222 2.81 9.41 11.28
N CYS B 223 1.65 8.82 11.53
CA CYS B 223 1.60 7.71 12.46
C CYS B 223 0.66 6.61 11.99
N ASN B 224 1.12 5.37 12.14
CA ASN B 224 0.30 4.19 11.94
C ASN B 224 0.37 3.35 13.19
N ILE B 225 -0.76 3.16 13.87
CA ILE B 225 -0.88 2.21 14.96
C ILE B 225 -1.78 1.07 14.51
N HIS B 226 -1.35 -0.16 14.70
CA HIS B 226 -2.20 -1.28 14.34
C HIS B 226 -3.57 -1.19 15.02
N HIS B 227 -4.60 -1.59 14.25
N HIS B 227 -4.61 -1.60 14.28
CA HIS B 227 -6.00 -1.62 14.68
CA HIS B 227 -5.96 -1.49 14.79
C HIS B 227 -6.20 -2.38 15.98
C HIS B 227 -6.23 -2.41 15.98
N ILE B 228 -5.37 -3.40 16.25
CA ILE B 228 -5.55 -4.15 17.49
C ILE B 228 -5.15 -3.31 18.70
N ALA B 229 -4.37 -2.26 18.50
CA ALA B 229 -3.79 -1.50 19.57
C ALA B 229 -4.29 -0.07 19.56
N SER B 230 -5.39 0.22 18.86
CA SER B 230 -5.86 1.59 18.76
C SER B 230 -7.33 1.64 18.35
N ASP B 231 -7.86 2.86 18.34
CA ASP B 231 -9.18 3.22 17.86
C ASP B 231 -9.05 4.66 17.42
N ALA B 232 -10.16 5.25 16.98
CA ALA B 232 -10.13 6.62 16.46
C ALA B 232 -9.60 7.60 17.50
N ALA B 233 -10.02 7.43 18.75
CA ALA B 233 -9.64 8.36 19.82
C ALA B 233 -8.16 8.27 20.14
N SER B 234 -7.54 7.11 19.91
CA SER B 234 -6.14 6.92 20.23
C SER B 234 -5.24 7.93 19.53
N ALA B 235 -5.64 8.43 18.38
CA ALA B 235 -4.76 9.34 17.65
C ALA B 235 -4.54 10.62 18.45
N GLY B 236 -5.62 11.16 19.02
CA GLY B 236 -5.49 12.31 19.91
C GLY B 236 -4.66 12.02 21.16
N VAL B 237 -4.85 10.85 21.75
CA VAL B 237 -4.06 10.46 22.90
C VAL B 237 -2.59 10.40 22.49
N PHE B 238 -2.31 9.76 21.36
CA PHE B 238 -0.92 9.64 20.94
C PHE B 238 -0.28 11.01 20.74
N LEU B 239 -0.98 11.91 20.04
CA LEU B 239 -0.39 13.21 19.74
C LEU B 239 -0.27 14.10 20.95
N ARG B 240 -1.21 14.01 21.90
CA ARG B 240 -1.05 14.78 23.11
C ARG B 240 0.15 14.29 23.89
N GLU B 241 0.27 12.96 24.03
CA GLU B 241 1.44 12.41 24.70
C GLU B 241 2.74 12.81 23.99
N LEU B 242 2.72 12.81 22.67
CA LEU B 242 3.94 13.07 21.90
C LEU B 242 4.39 14.52 22.05
N LEU B 243 3.47 15.46 21.92
CA LEU B 243 3.86 16.86 22.02
C LEU B 243 4.27 17.24 23.44
N ASP B 244 3.62 16.63 24.43
CA ASP B 244 4.00 16.85 25.80
C ASP B 244 5.39 16.29 26.09
N ALA B 245 5.65 15.07 25.65
CA ALA B 245 6.97 14.48 25.82
C ALA B 245 8.03 15.31 25.08
N TYR B 246 7.73 15.71 23.85
CA TYR B 246 8.65 16.54 23.09
C TYR B 246 9.06 17.79 23.88
N ASP B 247 8.09 18.46 24.53
CA ASP B 247 8.39 19.67 25.28
C ASP B 247 9.17 19.36 26.55
N ARG B 248 8.76 18.35 27.29
CA ARG B 248 9.47 17.99 28.50
C ARG B 248 10.92 17.63 28.21
N LEU B 249 11.16 16.85 27.16
CA LEU B 249 12.52 16.49 26.82
C LEU B 249 13.32 17.73 26.44
N GLY B 250 12.67 18.70 25.82
CA GLY B 250 13.35 19.94 25.49
C GLY B 250 13.84 20.66 26.74
N ARG B 251 13.02 20.67 27.80
CA ARG B 251 13.35 21.30 29.06
C ARG B 251 14.11 20.38 30.00
N GLY B 252 14.69 19.30 29.49
CA GLY B 252 15.46 18.41 30.35
C GLY B 252 14.67 17.57 31.33
N LEU B 253 13.34 17.67 31.37
CA LEU B 253 12.56 16.91 32.33
C LEU B 253 12.39 15.46 31.87
N PRO B 254 12.14 14.54 32.80
CA PRO B 254 11.96 13.13 32.43
C PRO B 254 10.56 12.83 31.90
N VAL B 255 10.49 11.72 31.16
CA VAL B 255 9.24 11.25 30.55
C VAL B 255 9.13 9.77 30.86
N GLU B 256 8.22 9.42 31.76
CA GLU B 256 8.13 8.06 32.27
C GLU B 256 6.67 7.73 32.51
N ALA B 257 6.43 6.46 32.75
CA ALA B 257 5.10 5.96 33.02
C ALA B 257 4.49 6.64 34.23
N ASP B 258 3.18 6.82 34.16
CA ASP B 258 2.31 7.22 35.25
C ASP B 258 1.80 5.97 35.96
N PRO B 259 2.34 5.62 37.13
CA PRO B 259 1.89 4.39 37.80
C PRO B 259 0.45 4.43 38.26
N LEU B 260 -0.10 5.61 38.50
CA LEU B 260 -1.50 5.68 38.93
C LEU B 260 -2.49 5.51 37.78
N ARG B 261 -2.06 5.61 36.55
CA ARG B 261 -2.98 5.47 35.43
C ARG B 261 -3.17 3.99 35.13
N PRO B 262 -4.40 3.51 34.96
CA PRO B 262 -4.58 2.12 34.53
C PRO B 262 -4.03 1.92 33.13
N THR B 263 -3.80 0.65 32.79
CA THR B 263 -3.32 0.25 31.49
C THR B 263 -4.45 -0.35 30.64
N TYR B 264 -4.12 -0.69 29.39
CA TYR B 264 -5.07 -1.42 28.55
C TYR B 264 -5.29 -2.80 29.13
N GLY B 265 -4.26 -3.39 29.73
CA GLY B 265 -4.43 -4.64 30.47
C GLY B 265 -5.41 -4.55 31.62
N ASP B 266 -5.38 -3.47 32.38
CA ASP B 266 -6.39 -3.29 33.41
C ASP B 266 -7.78 -3.28 32.79
N PHE B 267 -7.96 -2.48 31.73
CA PHE B 267 -9.26 -2.39 31.05
C PHE B 267 -9.69 -3.76 30.53
N SER B 268 -8.76 -4.57 30.03
CA SER B 268 -9.11 -5.87 29.50
C SER B 268 -9.66 -6.77 30.59
N GLN B 269 -9.07 -6.71 31.78
CA GLN B 269 -9.55 -7.53 32.89
C GLN B 269 -10.85 -6.96 33.45
N TRP B 270 -10.93 -5.64 33.56
CA TRP B 270 -12.17 -4.98 33.94
C TRP B 270 -13.32 -5.40 33.03
N TYR B 271 -13.07 -5.51 31.71
CA TYR B 271 -14.10 -5.87 30.75
C TYR B 271 -14.57 -7.30 30.97
N ARG B 272 -13.63 -8.22 31.24
CA ARG B 272 -14.00 -9.60 31.52
C ARG B 272 -14.78 -9.73 32.83
N GLU B 273 -14.47 -8.89 33.82
CA GLU B 273 -15.23 -8.92 35.05
C GLU B 273 -16.63 -8.35 34.83
N LEU B 274 -16.72 -7.29 34.03
CA LEU B 274 -18.02 -6.71 33.71
C LEU B 274 -18.92 -7.73 33.01
N MSE B 275 -18.36 -8.49 32.07
CA MSE B 275 -19.13 -9.50 31.34
C MSE B 275 -19.06 -10.83 32.05
O MSE B 275 -18.60 -11.82 31.50
CB MSE B 275 -18.63 -9.64 29.89
CG MSE B 275 -19.01 -8.46 29.00
SE MSE B 275 -20.98 -8.25 28.76
CE MSE B 275 -21.34 -6.88 30.09
H MSE B 275 -17.53 -8.45 31.84
HA MSE B 275 -20.05 -9.21 31.29
HB2 MSE B 275 -17.65 -9.70 29.91
HB3 MSE B 275 -19.00 -10.45 29.51
HG2 MSE B 275 -18.68 -7.64 29.39
HG3 MSE B 275 -18.61 -8.59 28.12
HE1 MSE B 275 -22.29 -6.68 30.09
HE2 MSE B 275 -21.07 -7.23 30.97
HE3 MSE B 275 -20.83 -6.10 29.88
N ASN B 276 -19.52 -10.87 33.30
CA ASN B 276 -19.66 -12.15 33.96
C ASN B 276 -20.73 -12.97 33.25
N PRO B 277 -20.72 -14.29 33.45
CA PRO B 277 -21.59 -15.17 32.63
C PRO B 277 -23.06 -14.77 32.59
N GLU B 278 -23.62 -14.33 33.71
CA GLU B 278 -25.01 -13.91 33.67
C GLU B 278 -25.15 -12.61 32.90
N ALA B 279 -24.23 -11.66 33.11
CA ALA B 279 -24.36 -10.38 32.44
C ALA B 279 -24.10 -10.53 30.95
N LEU B 280 -23.24 -11.47 30.57
CA LEU B 280 -22.97 -11.65 29.15
C LEU B 280 -24.15 -12.33 28.47
N THR B 281 -24.71 -13.37 29.11
CA THR B 281 -25.88 -14.04 28.55
C THR B 281 -27.05 -13.08 28.38
N ARG B 282 -27.28 -12.23 29.37
CA ARG B 282 -28.31 -11.21 29.23
C ARG B 282 -28.09 -10.35 27.97
N SER B 283 -26.86 -9.87 27.75
CA SER B 283 -26.69 -8.93 26.64
C SER B 283 -26.76 -9.66 25.31
N LEU B 284 -26.21 -10.86 25.26
CA LEU B 284 -26.33 -11.68 24.05
C LEU B 284 -27.79 -12.04 23.77
N ASP B 285 -28.56 -12.32 24.83
CA ASP B 285 -29.95 -12.68 24.62
C ASP B 285 -30.68 -11.54 23.94
N HIS B 286 -30.36 -10.31 24.30
CA HIS B 286 -31.03 -9.18 23.68
C HIS B 286 -30.81 -9.14 22.17
N PHE B 287 -29.55 -9.18 21.73
CA PHE B 287 -29.30 -9.12 20.28
C PHE B 287 -29.76 -10.39 19.57
N ALA B 288 -29.71 -11.54 20.23
CA ALA B 288 -30.12 -12.77 19.56
C ALA B 288 -31.62 -12.74 19.25
N ALA B 289 -32.39 -12.13 20.16
CA ALA B 289 -33.82 -11.96 19.92
C ALA B 289 -34.08 -10.89 18.87
N ARG B 290 -33.45 -9.73 19.02
CA ARG B 290 -33.63 -8.64 18.06
C ARG B 290 -33.24 -9.09 16.65
N LEU B 291 -32.18 -9.89 16.52
CA LEU B 291 -31.60 -10.18 15.22
C LEU B 291 -31.93 -11.59 14.80
N ALA B 292 -32.96 -12.17 15.41
CA ALA B 292 -33.36 -13.54 15.10
C ALA B 292 -33.79 -13.66 13.64
N GLY B 293 -33.63 -14.86 13.11
CA GLY B 293 -34.23 -15.21 11.83
C GLY B 293 -33.28 -15.01 10.66
N GLU B 294 -33.89 -14.92 9.48
CA GLU B 294 -33.12 -14.70 8.27
C GLU B 294 -32.84 -13.22 8.15
N LEU B 295 -31.59 -12.84 8.39
CA LEU B 295 -31.24 -11.43 8.29
C LEU B 295 -31.10 -11.02 6.83
N PRO B 296 -31.51 -9.81 6.48
CA PRO B 296 -31.27 -9.35 5.13
C PRO B 296 -29.78 -9.11 4.94
N VAL B 297 -29.34 -9.27 3.70
CA VAL B 297 -27.97 -8.98 3.28
C VAL B 297 -28.04 -7.77 2.36
N LEU B 298 -27.32 -6.72 2.73
CA LEU B 298 -27.39 -5.45 2.00
C LEU B 298 -27.27 -5.67 0.50
N ASP B 299 -28.25 -5.18 -0.23
CA ASP B 299 -28.33 -5.44 -1.67
C ASP B 299 -28.19 -4.16 -2.46
N LEU B 300 -27.04 -3.50 -2.37
CA LEU B 300 -26.83 -2.27 -3.10
C LEU B 300 -26.59 -2.58 -4.59
N PRO B 301 -27.02 -1.69 -5.48
CA PRO B 301 -26.58 -1.79 -6.87
C PRO B 301 -25.09 -1.47 -6.97
N THR B 302 -24.34 -2.33 -7.64
CA THR B 302 -22.90 -2.18 -7.74
C THR B 302 -22.51 -2.10 -9.21
N ASP B 303 -21.30 -1.63 -9.48
CA ASP B 303 -20.80 -1.66 -10.85
C ASP B 303 -20.21 -3.01 -11.18
N ARG B 304 -19.81 -3.78 -10.17
CA ARG B 304 -19.21 -5.07 -10.39
C ARG B 304 -19.83 -6.01 -9.38
N PRO B 305 -19.98 -7.29 -9.72
CA PRO B 305 -20.33 -8.29 -8.71
C PRO B 305 -19.19 -8.48 -7.71
N ARG B 306 -19.56 -8.95 -6.53
CA ARG B 306 -18.57 -9.22 -5.50
C ARG B 306 -17.59 -10.25 -6.01
N PRO B 307 -16.27 -9.95 -6.05
CA PRO B 307 -15.32 -10.88 -6.66
C PRO B 307 -15.00 -12.05 -5.75
N PRO B 308 -14.65 -13.20 -6.31
CA PRO B 308 -14.18 -14.31 -5.46
C PRO B 308 -12.94 -13.96 -4.65
N VAL B 309 -12.01 -13.21 -5.22
CA VAL B 309 -10.81 -12.77 -4.52
C VAL B 309 -11.03 -11.31 -4.13
N LYS B 310 -11.12 -11.03 -2.84
CA LYS B 310 -11.17 -9.65 -2.39
C LYS B 310 -9.80 -9.02 -2.59
N GLN B 311 -9.78 -7.78 -3.07
CA GLN B 311 -8.51 -7.08 -3.31
C GLN B 311 -8.21 -6.02 -2.25
N HIS B 312 -9.14 -5.80 -1.31
CA HIS B 312 -8.89 -4.94 -0.16
C HIS B 312 -8.55 -3.52 -0.61
N ARG B 313 -9.35 -2.98 -1.52
CA ARG B 313 -9.08 -1.72 -2.20
C ARG B 313 -10.22 -0.75 -1.86
N GLY B 314 -9.97 0.11 -0.90
CA GLY B 314 -10.96 1.05 -0.45
C GLY B 314 -10.82 2.39 -1.13
N GLY B 315 -11.95 3.05 -1.36
CA GLY B 315 -11.97 4.43 -1.78
C GLY B 315 -12.66 5.31 -0.73
N THR B 316 -12.51 6.62 -0.93
CA THR B 316 -13.20 7.58 -0.09
C THR B 316 -13.73 8.69 -0.97
N LEU B 317 -14.82 9.28 -0.55
CA LEU B 317 -15.49 10.34 -1.28
C LEU B 317 -16.10 11.31 -0.28
N PRO B 318 -15.72 12.58 -0.32
CA PRO B 318 -16.36 13.56 0.57
C PRO B 318 -17.83 13.73 0.19
N LEU B 319 -18.67 13.88 1.20
CA LEU B 319 -20.10 14.01 0.96
C LEU B 319 -20.48 15.39 0.43
N HIS B 320 -19.79 16.44 0.92
CA HIS B 320 -20.07 17.83 0.57
C HIS B 320 -21.47 18.25 1.01
N LEU B 321 -21.78 17.99 2.27
CA LEU B 321 -23.07 18.36 2.83
C LEU B 321 -23.09 19.88 3.04
N PRO B 322 -24.00 20.61 2.39
CA PRO B 322 -23.99 22.08 2.54
C PRO B 322 -24.09 22.48 4.00
N ALA B 323 -23.40 23.57 4.33
CA ALA B 323 -23.45 24.07 5.70
C ALA B 323 -24.89 24.30 6.19
N ALA B 324 -25.74 24.81 5.31
CA ALA B 324 -27.13 25.11 5.67
C ALA B 324 -27.89 23.82 6.03
N ALA B 325 -27.92 22.87 5.10
CA ALA B 325 -28.57 21.59 5.37
C ALA B 325 -27.99 20.90 6.60
N ALA B 326 -26.65 20.94 6.77
CA ALA B 326 -26.05 20.32 7.94
C ALA B 326 -26.54 20.97 9.24
N ASP B 327 -26.68 22.29 9.24
CA ASP B 327 -27.17 23.00 10.43
C ASP B 327 -28.65 22.68 10.70
N ASP B 328 -29.46 22.67 9.65
CA ASP B 328 -30.86 22.30 9.80
C ASP B 328 -30.98 20.88 10.34
N PHE B 329 -30.14 19.98 9.84
CA PHE B 329 -30.21 18.60 10.29
C PHE B 329 -29.94 18.48 11.77
N GLU B 330 -28.90 19.15 12.24
CA GLU B 330 -28.65 19.20 13.68
C GLU B 330 -29.84 19.79 14.42
N ALA B 331 -30.46 20.80 13.84
CA ALA B 331 -31.60 21.46 14.46
C ALA B 331 -32.81 20.53 14.48
N LEU B 332 -32.99 19.78 13.39
CA LEU B 332 -34.00 18.73 13.37
C LEU B 332 -33.85 17.81 14.57
N ALA B 333 -32.63 17.31 14.80
CA ALA B 333 -32.44 16.35 15.87
C ALA B 333 -32.86 16.92 17.21
N ARG B 334 -32.39 18.13 17.55
CA ARG B 334 -32.72 18.70 18.86
C ARG B 334 -34.23 18.89 19.02
N THR B 335 -34.90 19.39 17.98
CA THR B 335 -36.32 19.69 18.03
C THR B 335 -37.15 18.44 18.23
N GLU B 336 -36.68 17.29 17.78
CA GLU B 336 -37.44 16.04 17.85
C GLU B 336 -37.00 15.18 19.02
N GLY B 337 -36.12 15.67 19.88
CA GLY B 337 -35.72 14.93 21.05
C GLY B 337 -34.92 13.67 20.78
N VAL B 338 -34.09 13.67 19.74
CA VAL B 338 -33.17 12.58 19.43
C VAL B 338 -31.76 13.14 19.33
N THR B 339 -30.75 12.29 19.59
CA THR B 339 -29.37 12.70 19.36
C THR B 339 -29.09 12.82 17.86
N LEU B 340 -28.03 13.57 17.56
CA LEU B 340 -27.56 13.69 16.18
C LEU B 340 -27.28 12.30 15.58
N PHE B 341 -26.63 11.44 16.36
CA PHE B 341 -26.34 10.10 15.88
C PHE B 341 -27.63 9.38 15.51
N MSE B 342 -28.67 9.50 16.36
CA MSE B 342 -29.93 8.84 16.08
C MSE B 342 -30.52 9.35 14.76
O MSE B 342 -31.01 8.57 13.94
CB MSE B 342 -30.96 9.03 17.20
CG MSE B 342 -30.61 8.33 18.51
SE MSE B 342 -31.77 8.76 20.07
CE MSE B 342 -30.90 7.73 21.41
H MSE B 342 -28.65 9.95 17.08
HA MSE B 342 -29.77 7.89 16.03
HB2 MSE B 342 -31.03 9.99 17.38
HB3 MSE B 342 -31.81 8.69 16.90
HG2 MSE B 342 -30.68 7.38 18.37
HG3 MSE B 342 -29.71 8.57 18.75
HE1 MSE B 342 -29.98 8.03 21.51
HE2 MSE B 342 -31.37 7.83 22.25
HE3 MSE B 342 -30.91 6.79 21.15
N ALA B 343 -30.45 10.66 14.56
CA ALA B 343 -30.95 11.24 13.33
C ALA B 343 -30.20 10.73 12.11
N LEU B 344 -28.85 10.66 12.19
CA LEU B 344 -28.06 10.15 11.07
C LEU B 344 -28.40 8.70 10.78
N VAL B 345 -28.62 7.92 11.84
CA VAL B 345 -28.97 6.52 11.69
C VAL B 345 -30.29 6.39 10.95
N ALA B 346 -31.23 7.27 11.24
CA ALA B 346 -32.53 7.20 10.58
C ALA B 346 -32.40 7.56 9.11
N ALA B 347 -31.69 8.64 8.82
CA ALA B 347 -31.61 9.11 7.44
C ALA B 347 -30.82 8.12 6.59
N TYR B 348 -29.75 7.55 7.16
CA TYR B 348 -28.99 6.55 6.43
C TYR B 348 -29.81 5.30 6.16
N ALA B 349 -30.59 4.84 7.15
CA ALA B 349 -31.43 3.66 6.94
C ALA B 349 -32.44 3.90 5.82
N VAL B 350 -33.03 5.10 5.78
CA VAL B 350 -33.98 5.46 4.74
C VAL B 350 -33.27 5.47 3.40
N PHE B 351 -32.09 6.09 3.35
CA PHE B 351 -31.28 6.05 2.14
C PHE B 351 -31.06 4.62 1.68
N LEU B 352 -30.66 3.73 2.60
CA LEU B 352 -30.37 2.35 2.18
C LEU B 352 -31.63 1.64 1.74
N SER B 353 -32.72 1.76 2.49
CA SER B 353 -33.94 1.08 2.10
C SER B 353 -34.33 1.48 0.68
N ARG B 354 -34.23 2.77 0.37
CA ARG B 354 -34.58 3.20 -0.98
C ARG B 354 -33.68 2.56 -2.02
N HIS B 355 -32.36 2.56 -1.78
CA HIS B 355 -31.42 2.10 -2.80
C HIS B 355 -31.42 0.59 -2.94
N THR B 356 -31.69 -0.13 -1.85
CA THR B 356 -31.73 -1.59 -1.93
C THR B 356 -33.09 -2.14 -2.31
N GLY B 357 -34.15 -1.36 -2.14
CA GLY B 357 -35.48 -1.94 -2.17
C GLY B 357 -35.79 -2.88 -1.01
N GLN B 358 -35.07 -2.78 0.10
CA GLN B 358 -35.25 -3.67 1.23
C GLN B 358 -35.88 -2.89 2.36
N ARG B 359 -36.90 -3.50 3.00
CA ARG B 359 -37.57 -2.88 4.14
C ARG B 359 -36.65 -2.85 5.36
N ARG B 360 -35.96 -3.95 5.63
CA ARG B 360 -35.14 -4.10 6.82
C ARG B 360 -33.68 -3.88 6.42
N VAL B 361 -33.00 -3.01 7.15
CA VAL B 361 -31.58 -2.75 6.93
C VAL B 361 -30.85 -2.80 8.26
N LEU B 362 -29.68 -3.43 8.23
CA LEU B 362 -28.76 -3.56 9.34
C LEU B 362 -27.62 -2.60 9.13
N ILE B 363 -27.29 -1.85 10.17
CA ILE B 363 -26.23 -0.87 10.17
C ILE B 363 -25.37 -1.14 11.38
N GLY B 364 -24.08 -1.40 11.16
CA GLY B 364 -23.14 -1.49 12.26
C GLY B 364 -22.64 -0.12 12.68
N SER B 365 -22.33 0.00 13.97
CA SER B 365 -21.75 1.21 14.43
C SER B 365 -20.74 0.94 15.52
N PRO B 366 -19.50 1.45 15.39
CA PRO B 366 -18.50 1.24 16.43
C PRO B 366 -18.74 2.20 17.58
N VAL B 367 -19.08 1.64 18.75
CA VAL B 367 -19.44 2.43 19.92
C VAL B 367 -18.25 2.51 20.83
N SER B 368 -17.94 3.72 21.27
CA SER B 368 -16.86 3.98 22.20
C SER B 368 -17.14 3.37 23.57
N LEU B 369 -16.14 2.65 24.08
CA LEU B 369 -16.17 2.13 25.43
C LEU B 369 -15.36 3.00 26.40
N ARG B 370 -15.16 4.27 26.09
CA ARG B 370 -14.37 5.13 26.96
C ARG B 370 -15.26 5.94 27.91
N ASP B 371 -16.20 5.28 28.58
CA ASP B 371 -17.13 5.99 29.45
C ASP B 371 -16.41 6.53 30.67
N ASP B 372 -15.62 5.69 31.28
CA ASP B 372 -14.83 6.06 32.43
C ASP B 372 -13.70 7.01 32.09
N PRO B 373 -13.63 8.18 32.73
CA PRO B 373 -12.58 9.14 32.39
C PRO B 373 -11.16 8.59 32.58
N ALA B 374 -10.99 7.51 33.34
CA ALA B 374 -9.70 6.86 33.48
C ALA B 374 -9.16 6.21 32.20
N THR B 375 -9.97 6.12 31.14
CA THR B 375 -9.53 5.59 29.85
C THR B 375 -9.20 6.69 28.84
N HIS B 376 -9.47 7.96 29.17
CA HIS B 376 -9.44 9.02 28.17
C HIS B 376 -8.04 9.40 27.73
N GLU B 377 -7.00 8.97 28.42
CA GLU B 377 -5.63 9.19 28.00
C GLU B 377 -4.94 7.86 27.73
N LEU B 378 -5.68 6.85 27.32
CA LEU B 378 -5.08 5.57 27.00
C LEU B 378 -5.20 5.32 25.51
N ILE B 379 -4.10 4.87 24.91
CA ILE B 379 -4.12 4.30 23.58
C ILE B 379 -4.55 2.84 23.68
N GLY B 380 -5.53 2.46 22.85
CA GLY B 380 -5.91 1.07 22.71
C GLY B 380 -7.25 0.98 21.99
N TYR B 381 -7.70 -0.27 21.83
CA TYR B 381 -8.98 -0.55 21.19
C TYR B 381 -10.09 -0.45 22.25
N PHE B 382 -10.70 0.74 22.37
CA PHE B 382 -11.79 0.98 23.32
C PHE B 382 -13.13 1.10 22.58
N VAL B 383 -13.50 0.05 21.87
CA VAL B 383 -14.64 0.09 20.98
C VAL B 383 -15.29 -1.28 20.99
N ASN B 384 -16.60 -1.28 20.75
CA ASN B 384 -17.32 -2.51 20.41
C ASN B 384 -18.28 -2.20 19.27
N LEU B 385 -18.30 -3.07 18.27
CA LEU B 385 -19.26 -2.95 17.18
C LEU B 385 -20.65 -3.41 17.61
N VAL B 386 -21.64 -2.56 17.39
CA VAL B 386 -23.03 -2.84 17.75
C VAL B 386 -23.87 -2.85 16.47
N VAL B 387 -24.78 -3.79 16.37
CA VAL B 387 -25.68 -3.93 15.22
C VAL B 387 -27.01 -3.26 15.51
N LEU B 388 -27.40 -2.35 14.63
CA LEU B 388 -28.70 -1.68 14.66
C LEU B 388 -29.58 -2.14 13.51
N GLN B 389 -30.82 -2.53 13.81
CA GLN B 389 -31.76 -2.98 12.79
C GLN B 389 -32.90 -1.99 12.67
N GLN B 390 -33.26 -1.67 11.41
CA GLN B 390 -34.40 -0.79 11.17
C GLN B 390 -35.27 -1.28 10.02
N GLU B 391 -36.57 -1.09 10.19
N GLU B 391 -36.58 -1.11 10.20
CA GLU B 391 -37.60 -1.43 9.22
CA GLU B 391 -37.59 -1.43 9.18
C GLU B 391 -38.14 -0.12 8.65
C GLU B 391 -38.13 -0.12 8.64
N ILE B 392 -38.07 0.05 7.33
CA ILE B 392 -38.49 1.26 6.67
C ILE B 392 -39.54 0.95 5.64
N ASP B 393 -40.60 1.75 5.58
CA ASP B 393 -41.42 1.80 4.38
C ASP B 393 -41.86 3.24 4.17
N ASP B 394 -42.36 3.52 2.98
CA ASP B 394 -42.51 4.90 2.56
C ASP B 394 -43.82 5.54 3.03
N ARG B 395 -44.59 4.88 3.92
CA ARG B 395 -45.71 5.54 4.58
C ARG B 395 -45.33 6.13 5.94
N MSE B 396 -44.23 5.69 6.53
CA MSE B 396 -43.70 6.35 7.73
C MSE B 396 -43.34 7.78 7.43
O MSE B 396 -42.93 8.11 6.33
CB MSE B 396 -42.46 5.61 8.25
CG MSE B 396 -42.70 4.16 8.54
SE MSE B 396 -41.05 3.26 9.06
CE MSE B 396 -41.72 1.42 9.09
H MSE B 396 -43.76 5.02 6.26
HA MSE B 396 -44.38 6.32 8.42
HB2 MSE B 396 -41.77 5.67 7.58
HB3 MSE B 396 -42.17 6.04 9.07
HG2 MSE B 396 -43.33 4.07 9.28
HG3 MSE B 396 -43.05 3.72 7.76
HE1 MSE B 396 -41.99 1.18 8.18
HE2 MSE B 396 -41.02 0.83 9.39
HE3 MSE B 396 -42.48 1.37 9.68
N THR B 397 -43.47 8.62 8.42
CA THR B 397 -42.99 9.98 8.30
C THR B 397 -41.53 10.06 8.78
N VAL B 398 -40.89 11.20 8.51
CA VAL B 398 -39.57 11.51 9.08
C VAL B 398 -39.61 11.33 10.59
N ARG B 399 -40.62 11.90 11.24
CA ARG B 399 -40.68 11.79 12.70
C ARG B 399 -40.81 10.33 13.14
N ASP B 400 -41.58 9.51 12.41
CA ASP B 400 -41.70 8.10 12.75
C ASP B 400 -40.32 7.43 12.82
N VAL B 401 -39.54 7.52 11.72
CA VAL B 401 -38.26 6.82 11.65
C VAL B 401 -37.27 7.39 12.67
N LEU B 402 -37.32 8.71 12.92
CA LEU B 402 -36.52 9.29 14.00
C LEU B 402 -36.83 8.61 15.33
N ARG B 403 -38.11 8.42 15.64
CA ARG B 403 -38.46 7.89 16.96
C ARG B 403 -38.23 6.40 17.04
N ARG B 404 -38.44 5.68 15.92
CA ARG B 404 -38.06 4.26 15.87
C ARG B 404 -36.54 4.06 15.93
N ALA B 405 -35.76 4.97 15.33
CA ALA B 405 -34.30 4.90 15.52
C ALA B 405 -33.92 5.17 16.98
N ARG B 406 -34.64 6.11 17.64
CA ARG B 406 -34.35 6.41 19.03
C ARG B 406 -34.46 5.15 19.90
N GLU B 407 -35.50 4.36 19.66
CA GLU B 407 -35.72 3.16 20.48
C GLU B 407 -34.67 2.09 20.18
N GLU B 408 -34.39 1.86 18.90
CA GLU B 408 -33.38 0.87 18.52
C GLU B 408 -32.00 1.22 19.05
N VAL B 409 -31.60 2.49 18.95
CA VAL B 409 -30.29 2.91 19.43
C VAL B 409 -30.24 2.87 20.96
N SER B 410 -31.31 3.36 21.60
CA SER B 410 -31.37 3.35 23.06
C SER B 410 -31.18 1.94 23.59
N GLU B 411 -31.96 0.99 23.08
CA GLU B 411 -31.83 -0.38 23.56
C GLU B 411 -30.45 -0.94 23.24
N ALA B 412 -29.93 -0.69 22.03
CA ALA B 412 -28.62 -1.26 21.67
C ALA B 412 -27.54 -0.72 22.58
N LEU B 413 -27.54 0.59 22.79
CA LEU B 413 -26.54 1.21 23.66
C LEU B 413 -26.62 0.63 25.07
N ARG B 414 -27.84 0.34 25.55
CA ARG B 414 -28.01 -0.30 26.84
C ARG B 414 -27.26 -1.63 26.91
N HIS B 415 -27.11 -2.32 25.79
CA HIS B 415 -26.41 -3.60 25.81
C HIS B 415 -25.08 -3.56 25.07
N LYS B 416 -24.44 -2.38 24.99
CA LYS B 416 -23.32 -2.17 24.10
C LYS B 416 -22.06 -2.93 24.48
N TRP B 417 -21.97 -3.47 25.70
CA TRP B 417 -20.78 -4.20 26.17
C TRP B 417 -20.73 -5.62 25.63
N ALA B 418 -21.83 -6.13 25.04
CA ALA B 418 -21.83 -7.46 24.43
C ALA B 418 -20.84 -7.57 23.27
N PRO B 419 -19.75 -8.32 23.43
CA PRO B 419 -18.72 -8.27 22.39
C PRO B 419 -19.25 -8.74 21.06
N PHE B 420 -18.97 -7.96 20.02
CA PHE B 420 -19.54 -8.22 18.71
C PHE B 420 -19.31 -9.64 18.25
N ASP B 421 -18.10 -10.15 18.46
CA ASP B 421 -17.77 -11.48 17.97
C ASP B 421 -18.57 -12.56 18.70
N LYS B 422 -18.87 -12.35 19.98
CA LYS B 422 -19.76 -13.25 20.69
C LYS B 422 -21.20 -13.12 20.23
N VAL B 423 -21.63 -11.92 19.80
CA VAL B 423 -22.95 -11.78 19.21
C VAL B 423 -23.02 -12.57 17.93
N VAL B 424 -21.95 -12.51 17.14
CA VAL B 424 -21.91 -13.26 15.88
C VAL B 424 -21.95 -14.77 16.16
N GLU B 425 -21.10 -15.23 17.08
CA GLU B 425 -21.10 -16.64 17.41
C GLU B 425 -22.50 -17.10 17.85
N ARG B 426 -23.19 -16.28 18.65
CA ARG B 426 -24.50 -16.69 19.12
C ARG B 426 -25.51 -16.76 17.96
N LEU B 427 -25.40 -15.87 16.97
CA LEU B 427 -26.39 -15.85 15.90
C LEU B 427 -26.12 -16.85 14.78
N GLN B 428 -24.88 -17.34 14.64
CA GLN B 428 -24.50 -18.36 13.65
C GLN B 428 -24.89 -17.97 12.21
N PRO B 429 -24.50 -16.82 11.73
CA PRO B 429 -24.84 -16.44 10.35
C PRO B 429 -24.10 -17.29 9.33
N PRO B 430 -24.51 -17.26 8.05
CA PRO B 430 -23.76 -18.01 7.03
C PRO B 430 -22.38 -17.43 6.70
N PRO B 437 -20.19 -10.55 8.05
CA PRO B 437 -20.98 -11.05 9.20
C PRO B 437 -22.01 -10.03 9.69
N LEU B 438 -23.28 -10.39 9.59
CA LEU B 438 -24.38 -9.60 10.15
C LEU B 438 -24.56 -8.27 9.45
N VAL B 439 -23.50 -7.48 9.32
CA VAL B 439 -23.58 -6.11 8.81
C VAL B 439 -22.62 -5.96 7.64
N GLN B 440 -23.09 -5.29 6.61
CA GLN B 440 -22.35 -5.01 5.41
C GLN B 440 -22.04 -3.53 5.27
N THR B 441 -22.46 -2.72 6.25
CA THR B 441 -22.22 -1.29 6.21
C THR B 441 -22.18 -0.73 7.62
N MSE B 442 -21.69 0.48 7.73
CA MSE B 442 -21.43 1.05 9.03
C MSE B 442 -21.60 2.56 9.00
O MSE B 442 -21.41 3.21 7.98
CB MSE B 442 -20.03 0.65 9.45
CG MSE B 442 -19.33 1.69 10.28
SE MSE B 442 -17.61 0.92 10.75
CE MSE B 442 -18.20 -0.79 11.57
H MSE B 442 -21.50 0.99 7.06
HA MSE B 442 -22.06 0.71 9.68
HB2 MSE B 442 -20.08 -0.16 9.97
HB3 MSE B 442 -19.49 0.51 8.66
HG2 MSE B 442 -19.20 2.51 9.78
HG3 MSE B 442 -19.83 1.88 11.10
HE1 MSE B 442 -18.66 -1.32 10.91
HE2 MSE B 442 -17.42 -1.26 11.90
HE3 MSE B 442 -18.80 -0.59 12.31
N LEU B 443 -21.98 3.11 10.16
CA LEU B 443 -22.12 4.54 10.34
C LEU B 443 -21.36 4.95 11.59
N VAL B 444 -20.61 6.02 11.48
CA VAL B 444 -19.77 6.52 12.56
C VAL B 444 -20.05 8.00 12.74
N LEU B 445 -20.10 8.44 13.99
CA LEU B 445 -20.16 9.85 14.32
C LEU B 445 -19.06 10.15 15.34
N THR B 446 -18.10 10.98 14.94
CA THR B 446 -17.07 11.46 15.86
C THR B 446 -17.33 12.93 16.21
N GLN B 447 -16.90 13.32 17.40
CA GLN B 447 -16.93 14.72 17.82
C GLN B 447 -15.58 15.33 17.46
N GLY B 448 -15.57 16.26 16.50
CA GLY B 448 -14.35 16.83 15.97
C GLY B 448 -13.45 17.46 17.02
N ASP B 449 -13.91 17.58 18.27
CA ASP B 449 -13.05 18.01 19.35
C ASP B 449 -12.02 16.94 19.71
N ALA B 450 -12.27 15.67 19.34
CA ALA B 450 -11.26 14.63 19.52
C ALA B 450 -10.23 14.63 18.41
N GLY B 451 -10.56 15.20 17.25
CA GLY B 451 -9.65 15.42 16.15
C GLY B 451 -8.94 16.76 16.17
N ARG B 452 -8.96 17.48 17.30
CA ARG B 452 -8.37 18.81 17.42
C ARG B 452 -7.58 18.86 18.72
N ILE B 453 -6.35 19.33 18.65
CA ILE B 453 -5.43 19.34 19.78
C ILE B 453 -4.75 20.70 19.87
N SER B 454 -4.46 21.13 21.10
CA SER B 454 -3.88 22.43 21.39
C SER B 454 -2.40 22.30 21.72
N HIS B 455 -1.57 23.11 21.07
CA HIS B 455 -0.13 23.13 21.36
C HIS B 455 0.41 24.55 21.31
N ASP B 456 0.82 25.06 22.47
CA ASP B 456 1.41 26.41 22.61
C ASP B 456 0.51 27.48 21.98
N ASP B 457 -0.76 27.46 22.38
CA ASP B 457 -1.71 28.51 22.03
C ASP B 457 -2.40 28.25 20.68
N THR B 458 -1.76 27.51 19.79
CA THR B 458 -2.32 27.24 18.47
C THR B 458 -2.98 25.86 18.45
N GLU B 459 -4.01 25.74 17.61
CA GLU B 459 -4.80 24.52 17.50
C GLU B 459 -4.34 23.70 16.28
N LEU B 460 -4.14 22.40 16.50
CA LEU B 460 -3.71 21.46 15.47
C LEU B 460 -4.85 20.51 15.10
N ARG B 461 -4.90 20.09 13.83
CA ARG B 461 -5.93 19.20 13.33
C ARG B 461 -5.33 17.82 13.03
N ILE B 462 -6.04 16.78 13.42
CA ILE B 462 -5.65 15.41 13.12
C ILE B 462 -6.28 15.04 11.80
N GLU B 463 -5.47 14.57 10.86
CA GLU B 463 -5.93 14.27 9.51
C GLU B 463 -5.73 12.78 9.26
N ARG B 464 -6.73 12.18 8.61
CA ARG B 464 -6.69 10.76 8.30
C ARG B 464 -6.22 10.57 6.89
N GLY B 465 -5.50 9.48 6.66
CA GLY B 465 -5.23 9.05 5.30
C GLY B 465 -6.53 8.56 4.68
N ALA B 466 -6.49 8.33 3.38
CA ALA B 466 -7.69 7.91 2.65
C ALA B 466 -7.64 6.46 2.20
N ALA B 467 -6.56 5.75 2.42
CA ALA B 467 -6.43 4.38 1.96
C ALA B 467 -6.90 3.44 3.03
N HIS B 468 -7.58 2.36 2.63
CA HIS B 468 -8.09 1.36 3.56
C HIS B 468 -8.45 0.10 2.81
N GLY B 469 -8.74 -0.96 3.58
CA GLY B 469 -9.04 -2.28 3.05
C GLY B 469 -10.50 -2.54 2.72
N ALA B 470 -11.38 -1.57 2.90
CA ALA B 470 -12.81 -1.71 2.57
C ALA B 470 -13.43 -2.94 3.26
N LYS B 471 -13.44 -2.91 4.59
CA LYS B 471 -14.01 -4.04 5.31
C LYS B 471 -15.50 -4.17 5.01
N TYR B 472 -16.19 -3.05 4.83
CA TYR B 472 -17.61 -3.06 4.52
C TYR B 472 -17.84 -2.58 3.09
N ASP B 473 -19.04 -2.87 2.55
CA ASP B 473 -19.38 -2.37 1.24
C ASP B 473 -19.21 -0.85 1.21
N LEU B 474 -19.71 -0.17 2.23
CA LEU B 474 -19.53 1.27 2.35
C LEU B 474 -19.73 1.64 3.82
N SER B 475 -19.13 2.74 4.22
CA SER B 475 -19.18 3.20 5.60
C SER B 475 -19.37 4.70 5.52
N LEU B 476 -20.37 5.21 6.23
CA LEU B 476 -20.63 6.65 6.27
C LEU B 476 -19.97 7.19 7.53
N VAL B 477 -19.10 8.18 7.36
CA VAL B 477 -18.25 8.67 8.44
C VAL B 477 -18.58 10.13 8.64
N PHE B 478 -19.17 10.44 9.78
CA PHE B 478 -19.63 11.78 10.07
C PHE B 478 -18.79 12.33 11.20
N GLU B 479 -18.61 13.65 11.17
CA GLU B 479 -17.83 14.37 12.18
C GLU B 479 -18.55 15.70 12.40
N ARG B 480 -18.79 16.02 13.67
CA ARG B 480 -19.41 17.28 14.01
C ARG B 480 -18.50 18.07 14.94
N ASP B 481 -18.07 19.24 14.50
CA ASP B 481 -17.18 20.10 15.27
C ASP B 481 -17.84 21.46 15.44
N SER B 482 -17.06 22.42 15.92
CA SER B 482 -17.54 23.78 16.08
C SER B 482 -17.93 24.38 14.71
N GLU B 483 -17.16 24.07 13.66
CA GLU B 483 -17.41 24.65 12.35
C GLU B 483 -18.61 24.04 11.63
N GLY B 484 -19.17 22.94 12.11
CA GLY B 484 -20.36 22.38 11.52
C GLY B 484 -20.30 20.86 11.46
N LEU B 485 -21.23 20.30 10.71
CA LEU B 485 -21.33 18.85 10.53
C LEU B 485 -20.89 18.50 9.12
N HIS B 486 -20.10 17.46 8.98
CA HIS B 486 -19.74 17.00 7.65
C HIS B 486 -19.54 15.50 7.64
N GLY B 487 -19.45 14.95 6.44
CA GLY B 487 -19.35 13.52 6.32
C GLY B 487 -18.58 13.11 5.08
N LEU B 488 -18.18 11.86 5.09
CA LEU B 488 -17.56 11.27 3.91
C LEU B 488 -17.98 9.83 3.79
N ILE B 489 -17.73 9.26 2.62
CA ILE B 489 -18.05 7.87 2.32
C ILE B 489 -16.75 7.11 2.10
N GLU B 490 -16.58 6.00 2.82
CA GLU B 490 -15.55 5.02 2.56
C GLU B 490 -16.24 3.89 1.81
N TYR B 491 -15.65 3.43 0.71
CA TYR B 491 -16.36 2.46 -0.13
C TYR B 491 -15.41 1.42 -0.67
N ASP B 492 -15.98 0.27 -1.03
CA ASP B 492 -15.25 -0.85 -1.60
C ASP B 492 -15.17 -0.66 -3.11
N ALA B 493 -13.96 -0.45 -3.61
CA ALA B 493 -13.79 -0.28 -5.06
C ALA B 493 -13.91 -1.61 -5.79
N ASP B 494 -13.91 -2.74 -5.09
CA ASP B 494 -14.24 -4.00 -5.75
C ASP B 494 -15.65 -3.97 -6.33
N LEU B 495 -16.53 -3.16 -5.73
CA LEU B 495 -17.95 -3.11 -6.12
C LEU B 495 -18.29 -1.83 -6.88
N PHE B 496 -17.68 -0.71 -6.51
CA PHE B 496 -18.14 0.58 -6.99
C PHE B 496 -17.04 1.33 -7.75
N ASP B 497 -17.45 1.94 -8.85
CA ASP B 497 -16.71 3.02 -9.46
C ASP B 497 -17.09 4.34 -8.78
N GLU B 498 -16.16 5.29 -8.83
CA GLU B 498 -16.33 6.51 -8.05
C GLU B 498 -17.58 7.30 -8.42
N PRO B 499 -17.97 7.41 -9.69
CA PRO B 499 -19.17 8.21 -10.03
C PRO B 499 -20.45 7.61 -9.49
N THR B 500 -20.48 6.28 -9.33
CA THR B 500 -21.59 5.64 -8.63
C THR B 500 -21.63 6.13 -7.19
N VAL B 501 -20.48 6.22 -6.53
CA VAL B 501 -20.47 6.62 -5.14
C VAL B 501 -20.80 8.10 -5.01
N ARG B 502 -20.36 8.90 -5.98
CA ARG B 502 -20.73 10.32 -6.00
C ARG B 502 -22.23 10.51 -6.15
N ALA B 503 -22.89 9.67 -6.96
CA ALA B 503 -24.34 9.78 -7.09
C ALA B 503 -25.07 9.33 -5.82
N MSE B 504 -24.56 8.30 -5.15
CA MSE B 504 -25.10 7.93 -3.85
C MSE B 504 -24.97 9.05 -2.82
O MSE B 504 -25.95 9.37 -2.08
CB MSE B 504 -24.41 6.68 -3.30
CG MSE B 504 -24.87 5.42 -4.01
SE MSE B 504 -24.12 3.76 -3.25
CE MSE B 504 -24.73 3.84 -1.43
H MSE B 504 -23.90 7.81 -5.42
HA MSE B 504 -26.04 7.74 -3.99
HB2 MSE B 504 -23.45 6.76 -3.41
HB3 MSE B 504 -24.63 6.58 -2.36
HG2 MSE B 504 -25.84 5.36 -3.96
HG3 MSE B 504 -24.59 5.47 -4.94
HE1 MSE B 504 -24.40 3.05 -0.96
HE2 MSE B 504 -24.40 4.64 -1.02
HE3 MSE B 504 -25.70 3.84 -1.42
N GLY B 505 -23.77 9.60 -2.70
CA GLY B 505 -23.59 10.69 -1.77
C GLY B 505 -24.50 11.87 -2.06
N ASP B 506 -24.76 12.13 -3.33
CA ASP B 506 -25.67 13.21 -3.71
C ASP B 506 -27.12 12.90 -3.29
N ARG B 507 -27.58 11.66 -3.42
CA ARG B 507 -28.94 11.34 -3.00
C ARG B 507 -29.06 11.33 -1.48
N LEU B 508 -28.02 10.87 -0.77
CA LEU B 508 -28.04 10.91 0.69
C LEU B 508 -28.02 12.35 1.21
N ARG B 509 -27.26 13.23 0.55
CA ARG B 509 -27.23 14.63 0.99
C ARG B 509 -28.56 15.32 0.71
N HIS B 510 -29.16 15.01 -0.43
CA HIS B 510 -30.47 15.53 -0.74
C HIS B 510 -31.50 15.06 0.26
N LEU B 511 -31.48 13.75 0.58
CA LEU B 511 -32.44 13.21 1.52
C LEU B 511 -32.33 13.88 2.88
N MSE B 512 -31.12 14.19 3.32
CA MSE B 512 -30.90 14.76 4.65
C MSE B 512 -31.39 16.19 4.73
O MSE B 512 -31.84 16.60 5.79
CB MSE B 512 -29.43 14.73 5.04
CG MSE B 512 -28.88 13.33 5.31
SE MSE B 512 -26.88 13.32 5.55
CE MSE B 512 -26.82 14.27 7.26
H MSE B 512 -30.41 14.09 2.86
HA MSE B 512 -31.40 14.20 5.27
HB2 MSE B 512 -28.91 15.12 4.33
HB3 MSE B 512 -29.32 15.25 5.85
HG2 MSE B 512 -29.29 12.98 6.11
HG3 MSE B 512 -29.09 12.75 4.55
HE1 MSE B 512 -25.89 14.35 7.54
HE2 MSE B 512 -27.21 15.14 7.16
HE3 MSE B 512 -27.31 13.75 7.92
N GLU B 513 -31.30 16.92 3.62
CA GLU B 513 -31.90 18.24 3.55
C GLU B 513 -33.41 18.17 3.70
N GLN B 514 -34.05 17.29 2.94
CA GLN B 514 -35.48 17.09 3.04
C GLN B 514 -35.91 16.67 4.44
N PHE B 515 -35.14 15.79 5.10
CA PHE B 515 -35.48 15.41 6.47
C PHE B 515 -35.73 16.65 7.32
N ALA B 516 -34.79 17.60 7.28
CA ALA B 516 -34.87 18.79 8.11
C ALA B 516 -36.01 19.71 7.67
N ARG B 517 -36.32 19.76 6.39
CA ARG B 517 -37.35 20.68 5.92
C ARG B 517 -38.76 20.16 6.21
N ARG B 518 -38.97 18.85 6.20
CA ARG B 518 -40.31 18.27 6.28
C ARG B 518 -40.39 17.12 7.27
N PRO B 519 -40.16 17.39 8.56
CA PRO B 519 -40.23 16.30 9.56
C PRO B 519 -41.61 15.64 9.65
N ASP B 520 -42.67 16.30 9.18
CA ASP B 520 -44.02 15.75 9.21
C ASP B 520 -44.34 14.95 7.97
N ALA B 521 -43.52 15.02 6.97
CA ALA B 521 -43.94 14.45 5.71
C ALA B 521 -43.76 12.92 5.73
N PRO B 522 -44.68 12.20 5.09
CA PRO B 522 -44.40 10.80 4.77
C PRO B 522 -43.25 10.68 3.79
N LEU B 523 -42.44 9.64 3.98
CA LEU B 523 -41.23 9.48 3.19
C LEU B 523 -41.52 9.43 1.68
N HIS B 524 -42.69 8.93 1.25
CA HIS B 524 -42.95 8.84 -0.19
C HIS B 524 -43.10 10.20 -0.84
N GLU B 525 -43.33 11.25 -0.05
CA GLU B 525 -43.38 12.64 -0.51
C GLU B 525 -42.01 13.33 -0.50
N LEU B 526 -40.95 12.64 -0.12
CA LEU B 526 -39.58 13.14 -0.22
C LEU B 526 -39.02 12.57 -1.52
N GLU B 527 -39.22 13.29 -2.63
CA GLU B 527 -38.84 12.78 -3.94
C GLU B 527 -37.31 12.74 -4.09
N ALA B 528 -36.85 11.87 -4.98
CA ALA B 528 -35.41 11.64 -5.14
C ALA B 528 -34.72 12.86 -5.76
N LEU B 529 -33.38 12.75 -5.84
CA LEU B 529 -32.45 13.60 -6.61
C LEU B 529 -31.45 14.41 -5.74
C FMT C . -3.15 13.75 -16.30
O1 FMT C . -4.14 13.94 -16.98
O2 FMT C . -2.41 14.67 -15.96
H FMT C . -2.96 12.73 -16.00
C FMT D . 9.35 3.47 -18.54
O1 FMT D . 9.21 3.40 -17.28
O2 FMT D . 9.66 2.52 -19.31
H FMT D . 9.12 4.41 -19.03
HO2 FMT D . 10.00 1.68 -18.94
K K E . -11.79 14.18 -18.92
K K F . 10.36 13.19 -0.39
C1 GOL G . 23.51 -2.20 4.04
O1 GOL G . 24.53 -1.85 3.15
C2 GOL G . 24.04 -2.13 5.46
O2 GOL G . 25.39 -2.41 5.57
C3 GOL G . 23.25 -3.19 6.24
O3 GOL G . 23.29 -2.80 7.61
H11 GOL G . 23.17 -3.09 3.88
H12 GOL G . 22.75 -1.61 3.97
HO1 GOL G . 24.25 -2.02 2.37
H2 GOL G . 23.91 -1.23 5.77
HO2 GOL G . 25.60 -2.40 6.40
H31 GOL G . 23.65 -4.06 6.08
H32 GOL G . 22.36 -3.24 5.89
HO3 GOL G . 24.01 -2.34 7.71
C FMT H . -10.10 12.71 13.88
O1 FMT H . -9.57 12.15 12.90
O2 FMT H . -10.21 12.18 15.01
H FMT H . -10.45 13.74 13.78
HO2 FMT H . -9.88 11.27 15.15
C FMT I . 2.54 21.59 5.74
O1 FMT I . 1.54 20.92 5.43
O2 FMT I . 3.13 21.41 6.81
H FMT I . 2.90 22.39 5.10
HO2 FMT I . 2.87 20.67 7.38
K K J . 11.52 21.99 7.85
K K K . -10.81 10.89 -6.59
C1 GOL L . -13.11 2.21 15.85
O1 GOL L . -11.89 1.53 16.04
C2 GOL L . -12.99 3.53 16.58
O2 GOL L . -12.12 4.29 15.96
C3 GOL L . -14.34 4.20 16.54
O3 GOL L . -14.19 5.52 16.92
H11 GOL L . -13.87 1.72 16.20
H12 GOL L . -13.30 2.37 14.91
HO1 GOL L . -12.01 0.74 15.75
H2 GOL L . -12.72 3.37 17.50
HO2 GOL L . -12.43 4.47 15.17
H31 GOL L . -14.94 3.71 17.12
H32 GOL L . -14.71 4.11 15.65
HO3 GOL L . -14.15 5.51 17.78
C1 GOL M . -23.05 -7.20 -3.36
O1 GOL M . -23.16 -7.56 -4.71
C2 GOL M . -24.07 -6.06 -3.14
O2 GOL M . -25.23 -6.57 -2.64
C3 GOL M . -23.35 -5.08 -2.20
O3 GOL M . -24.33 -4.34 -1.48
H11 GOL M . -22.16 -6.88 -3.13
H12 GOL M . -23.24 -7.92 -2.76
HO1 GOL M . -22.56 -8.15 -4.85
H2 GOL M . -24.31 -5.58 -3.94
HO2 GOL M . -25.09 -6.88 -1.86
H31 GOL M . -22.77 -4.51 -2.73
H32 GOL M . -22.76 -5.58 -1.62
HO3 GOL M . -23.93 -3.75 -1.02
#